data_6DNF
#
_entry.id   6DNF
#
loop_
_entity.id
_entity.type
_entity.pdbx_description
1 polymer 'Mitochondrial calcium uniporter MCU'
2 non-polymer 1-[GLYCEROLYLPHOSPHONYL]-2-[8-(2-HEXYL-CYCLOPROPYL)-OCTANAL-1-YL]-3-[HEXADECANAL-1-YL]-GLYCEROL
3 non-polymer 'CALCIUM ION'
#
_entity_poly.entity_id   1
_entity_poly.type   'polypeptide(L)'
_entity_poly.pdbx_seq_one_letter_code
;MTKGKLLTTPSRLLKLVLPLSTVDHNTDRKDVAPLALLVHPQQPLSYLERLIQAELPPPDPQDSKSTTRSVTFRAMEAKD
DEIKPRKKADTEGGGGSDGSVQSYSGAGREGEGKDEGEFVRWSPSTEIGDFIRDAARAKEFEVEIEGSPGVIKVAVPSFN
DRTYYLRQRLRRTSRKISKLAAIKEECDKAAHRGAQRIALAGCGGLIGYWYIVYRLTFETDLGWDVMEPVTYLVGLSTLI
GGYMWFLWHNREVSYRSALNITVSARQNKLYQAKGFSLQDWEGYLEEANAMRREIKAVASEYDVDWNETQDEGGDEKVTK
ALRDERKNNNGTKNKSKEGEEDDEDDGEGEEF
;
_entity_poly.pdbx_strand_id   A,B,C,D
#
loop_
_chem_comp.id
_chem_comp.type
_chem_comp.name
_chem_comp.formula
CA non-polymer 'CALCIUM ION' 'Ca 2'
DGG non-polymer 1-[GLYCEROLYLPHOSPHONYL]-2-[8-(2-HEXYL-CYCLOPROPYL)-OCTANAL-1-YL]-3-[HEXADECANAL-1-YL]-GLYCEROL 'C39 H75 O10 P'
#
# COMPACT_ATOMS: atom_id res chain seq x y z
N THR A 8 -24.68 5.28 38.74
CA THR A 8 -25.36 5.87 37.59
C THR A 8 -26.21 4.82 36.87
N THR A 9 -27.46 5.19 36.55
CA THR A 9 -28.38 4.20 35.97
C THR A 9 -28.08 3.93 34.50
N PRO A 10 -27.90 4.92 33.63
CA PRO A 10 -27.52 4.64 32.25
C PRO A 10 -26.00 4.52 32.09
N SER A 11 -25.58 4.29 30.85
CA SER A 11 -24.15 4.20 30.59
C SER A 11 -23.88 4.21 29.10
N ARG A 12 -22.59 4.33 28.77
CA ARG A 12 -22.08 4.09 27.43
C ARG A 12 -20.94 3.08 27.54
N LEU A 13 -21.12 1.94 26.90
CA LEU A 13 -20.05 0.98 26.73
C LEU A 13 -19.42 1.20 25.37
N LEU A 14 -18.11 1.10 25.33
CA LEU A 14 -17.41 1.06 24.07
C LEU A 14 -17.49 -0.35 23.49
N LYS A 15 -17.46 -0.40 22.17
CA LYS A 15 -17.36 -1.64 21.42
C LYS A 15 -16.20 -1.46 20.44
N LEU A 16 -15.82 -2.55 19.80
CA LEU A 16 -14.53 -2.69 19.17
C LEU A 16 -14.31 -1.70 18.02
N VAL A 17 -15.38 -1.13 17.48
CA VAL A 17 -15.27 -0.10 16.44
C VAL A 17 -16.04 1.14 16.84
N LEU A 18 -17.25 0.95 17.34
CA LEU A 18 -18.29 1.94 17.29
C LEU A 18 -19.12 1.94 18.58
N PRO A 19 -19.40 3.11 19.18
CA PRO A 19 -19.95 3.10 20.54
C PRO A 19 -21.29 2.41 20.69
N LEU A 20 -21.55 2.00 21.93
CA LEU A 20 -22.79 1.37 22.36
C LEU A 20 -23.37 2.19 23.51
N SER A 21 -24.62 2.62 23.38
CA SER A 21 -25.26 3.48 24.37
C SER A 21 -26.40 2.73 25.01
N THR A 22 -26.36 2.59 26.34
CA THR A 22 -27.41 1.95 27.11
C THR A 22 -28.14 3.03 27.89
N VAL A 23 -29.40 3.25 27.53
CA VAL A 23 -30.23 4.30 28.11
C VAL A 23 -31.36 3.66 28.88
N ASP A 24 -31.67 4.22 30.04
CA ASP A 24 -32.77 3.77 30.88
C ASP A 24 -33.80 4.89 30.95
N HIS A 25 -35.01 4.60 30.49
CA HIS A 25 -36.09 5.58 30.47
C HIS A 25 -36.86 5.57 31.79
N ALA A 33 -35.93 -2.82 32.09
CA ALA A 33 -35.96 -3.05 30.66
C ALA A 33 -35.39 -1.84 29.91
N PRO A 34 -34.07 -1.67 29.98
CA PRO A 34 -33.44 -0.54 29.29
C PRO A 34 -33.37 -0.73 27.79
N LEU A 35 -32.72 0.19 27.10
CA LEU A 35 -32.60 0.16 25.65
C LEU A 35 -31.15 0.36 25.24
N ALA A 36 -30.80 -0.16 24.08
CA ALA A 36 -29.43 -0.18 23.58
C ALA A 36 -29.39 0.30 22.14
N LEU A 37 -28.36 1.07 21.82
CA LEU A 37 -28.16 1.57 20.47
C LEU A 37 -26.71 1.46 20.04
N LEU A 38 -26.52 1.17 18.75
CA LEU A 38 -25.23 1.28 18.09
C LEU A 38 -25.22 2.52 17.21
N VAL A 39 -24.07 3.19 17.16
CA VAL A 39 -23.88 4.34 16.28
C VAL A 39 -22.43 4.35 15.82
N HIS A 40 -22.22 4.92 14.66
CA HIS A 40 -20.92 5.18 14.09
C HIS A 40 -20.49 6.60 14.45
N PRO A 41 -19.20 6.84 14.69
CA PRO A 41 -18.82 8.16 15.22
C PRO A 41 -19.13 9.31 14.29
N GLN A 42 -18.87 9.15 13.00
CA GLN A 42 -18.95 10.25 12.07
C GLN A 42 -20.38 10.67 11.78
N GLN A 43 -21.37 9.90 12.20
CA GLN A 43 -22.74 10.32 12.06
C GLN A 43 -23.03 11.50 12.99
N PRO A 44 -24.16 12.16 12.80
CA PRO A 44 -24.53 13.25 13.69
C PRO A 44 -25.46 12.79 14.80
N LEU A 45 -25.79 13.71 15.70
CA LEU A 45 -26.72 13.42 16.78
C LEU A 45 -28.16 13.28 16.29
N SER A 46 -28.46 13.73 15.08
CA SER A 46 -29.84 13.72 14.61
C SER A 46 -30.33 12.30 14.38
N TYR A 47 -29.45 11.42 13.91
CA TYR A 47 -29.80 10.01 13.80
C TYR A 47 -30.22 9.46 15.15
N LEU A 48 -29.49 9.84 16.18
CA LEU A 48 -29.77 9.36 17.53
C LEU A 48 -31.10 9.91 18.01
N GLU A 49 -31.37 11.19 17.72
CA GLU A 49 -32.69 11.76 18.04
C GLU A 49 -33.79 11.00 17.33
N ARG A 50 -33.57 10.64 16.07
CA ARG A 50 -34.63 9.97 15.31
C ARG A 50 -34.93 8.61 15.93
N LEU A 51 -33.90 7.90 16.37
CA LEU A 51 -34.14 6.62 17.01
C LEU A 51 -34.89 6.78 18.32
N ILE A 52 -34.44 7.72 19.16
CA ILE A 52 -35.10 7.93 20.44
C ILE A 52 -36.55 8.36 20.24
N GLN A 53 -36.82 9.11 19.18
CA GLN A 53 -38.19 9.54 18.91
C GLN A 53 -39.05 8.38 18.43
N ALA A 54 -38.52 7.54 17.54
CA ALA A 54 -39.28 6.39 17.09
C ALA A 54 -39.50 5.39 18.20
N GLU A 55 -38.68 5.44 19.25
CA GLU A 55 -38.94 4.61 20.43
C GLU A 55 -40.22 5.04 21.12
N LEU A 56 -40.26 6.28 21.60
CA LEU A 56 -41.35 6.78 22.39
C LEU A 56 -42.62 6.94 21.56
N PRO A 57 -43.78 7.12 22.21
CA PRO A 57 -45.01 7.39 21.45
C PRO A 57 -45.14 8.87 21.06
N GLU A 110 -42.06 14.51 21.08
CA GLU A 110 -41.25 14.60 19.86
C GLU A 110 -39.90 15.24 20.15
N GLY A 111 -39.93 16.32 20.91
CA GLY A 111 -38.72 17.10 21.16
C GLY A 111 -37.66 16.32 21.90
N GLU A 112 -36.43 16.78 21.73
CA GLU A 112 -35.28 16.18 22.39
C GLU A 112 -34.10 17.13 22.27
N GLY A 113 -33.21 17.07 23.26
CA GLY A 113 -32.06 17.95 23.29
C GLY A 113 -30.90 17.34 24.05
N LYS A 114 -29.71 17.77 23.68
CA LYS A 114 -28.45 17.24 24.19
C LYS A 114 -27.69 18.36 24.87
N ASP A 115 -27.12 18.10 26.04
CA ASP A 115 -26.36 19.07 26.80
C ASP A 115 -25.00 18.52 27.19
N GLU A 116 -24.00 19.39 27.07
CA GLU A 116 -22.64 19.08 27.49
C GLU A 116 -22.00 20.36 28.00
N GLY A 117 -20.75 20.24 28.45
CA GLY A 117 -20.14 21.31 29.21
C GLY A 117 -20.97 21.51 30.46
N GLU A 118 -20.91 22.73 30.98
CA GLU A 118 -22.05 23.20 31.76
C GLU A 118 -23.24 23.17 30.82
N PHE A 119 -24.40 22.77 31.32
CA PHE A 119 -25.39 22.18 30.44
C PHE A 119 -25.98 23.23 29.51
N VAL A 120 -25.25 23.50 28.44
CA VAL A 120 -25.71 24.28 27.30
C VAL A 120 -26.02 23.32 26.18
N ARG A 121 -27.00 23.68 25.34
CA ARG A 121 -27.43 22.79 24.27
C ARG A 121 -26.52 22.97 23.07
N TRP A 122 -25.98 21.85 22.60
CA TRP A 122 -25.14 21.80 21.42
C TRP A 122 -26.02 21.62 20.18
N SER A 123 -25.40 21.78 19.04
CA SER A 123 -26.16 21.73 17.81
C SER A 123 -26.39 20.28 17.39
N PRO A 124 -27.61 19.91 16.98
CA PRO A 124 -27.86 18.51 16.63
C PRO A 124 -27.14 18.07 15.38
N SER A 125 -26.71 19.01 14.54
CA SER A 125 -25.97 18.69 13.33
C SER A 125 -24.48 18.55 13.58
N THR A 126 -24.07 18.29 14.81
CA THR A 126 -22.66 18.18 15.15
C THR A 126 -22.25 16.71 15.13
N GLU A 127 -20.95 16.50 14.95
CA GLU A 127 -20.38 15.16 14.89
C GLU A 127 -20.13 14.63 16.29
N ILE A 128 -20.29 13.31 16.45
CA ILE A 128 -20.17 12.70 17.77
C ILE A 128 -18.72 12.63 18.22
N GLY A 129 -17.86 12.04 17.38
CA GLY A 129 -16.44 11.93 17.71
C GLY A 129 -15.77 13.23 18.08
N ASP A 130 -16.32 14.36 17.65
CA ASP A 130 -15.88 15.68 18.09
C ASP A 130 -16.56 16.14 19.37
N PHE A 131 -17.40 15.31 19.97
CA PHE A 131 -18.30 15.70 21.06
C PHE A 131 -18.09 14.89 22.32
N ILE A 132 -17.80 13.60 22.17
CA ILE A 132 -17.48 12.78 23.33
C ILE A 132 -16.21 13.28 24.00
N ARG A 133 -15.32 13.92 23.25
CA ARG A 133 -14.11 14.47 23.87
C ARG A 133 -14.46 15.54 24.89
N ASP A 134 -15.42 16.40 24.56
CA ASP A 134 -15.85 17.41 25.51
C ASP A 134 -16.61 16.76 26.66
N ALA A 135 -17.44 15.76 26.34
CA ALA A 135 -18.10 14.99 27.37
C ALA A 135 -17.10 14.40 28.36
N ALA A 136 -15.90 14.09 27.89
CA ALA A 136 -14.89 13.51 28.73
C ALA A 136 -14.15 14.56 29.53
N ARG A 137 -13.88 15.73 28.95
CA ARG A 137 -13.21 16.76 29.73
C ARG A 137 -14.11 17.25 30.85
N ALA A 138 -15.42 17.07 30.71
CA ALA A 138 -16.33 17.24 31.85
C ALA A 138 -16.70 15.94 32.52
N LYS A 139 -16.51 14.80 31.84
CA LYS A 139 -16.76 13.48 32.40
C LYS A 139 -18.24 13.18 32.60
N GLU A 140 -19.10 13.67 31.71
CA GLU A 140 -20.53 13.40 31.79
C GLU A 140 -21.18 13.75 30.47
N PHE A 141 -22.47 13.43 30.37
CA PHE A 141 -23.26 13.65 29.16
C PHE A 141 -24.69 13.87 29.62
N GLU A 142 -25.43 14.78 28.98
CA GLU A 142 -26.75 15.17 29.48
C GLU A 142 -27.79 15.06 28.38
N VAL A 143 -28.92 14.46 28.72
CA VAL A 143 -30.05 14.31 27.80
C VAL A 143 -31.29 14.94 28.42
N GLU A 144 -32.09 15.58 27.56
CA GLU A 144 -33.30 16.28 27.98
C GLU A 144 -34.41 15.97 26.98
N ILE A 145 -35.59 15.68 27.51
CA ILE A 145 -36.74 15.30 26.70
C ILE A 145 -37.90 16.24 26.99
N GLU A 146 -38.54 16.71 25.94
CA GLU A 146 -39.67 17.61 26.08
C GLU A 146 -40.92 16.84 26.53
N GLY A 147 -41.76 17.51 27.29
CA GLY A 147 -43.00 16.91 27.75
C GLY A 147 -42.85 15.68 28.62
N SER A 148 -41.75 15.55 29.33
CA SER A 148 -41.48 14.41 30.19
C SER A 148 -40.68 14.85 31.41
N PRO A 149 -40.61 14.03 32.45
CA PRO A 149 -39.69 14.32 33.56
C PRO A 149 -38.27 13.91 33.22
N GLY A 150 -37.39 14.05 34.20
CA GLY A 150 -36.06 13.50 34.12
C GLY A 150 -35.09 14.31 33.28
N VAL A 151 -33.86 14.45 33.76
CA VAL A 151 -32.78 15.08 33.02
C VAL A 151 -31.57 14.18 33.21
N ILE A 152 -31.24 13.41 32.19
CA ILE A 152 -30.45 12.20 32.38
C ILE A 152 -28.96 12.52 32.28
N LYS A 153 -28.24 12.18 33.34
CA LYS A 153 -26.80 12.05 33.29
C LYS A 153 -26.43 10.73 32.62
N VAL A 154 -25.30 10.73 31.90
CA VAL A 154 -24.74 9.50 31.36
C VAL A 154 -23.23 9.58 31.45
N ALA A 155 -22.62 8.42 31.68
CA ALA A 155 -21.18 8.29 31.75
C ALA A 155 -20.55 8.50 30.39
N VAL A 156 -19.22 8.44 30.36
CA VAL A 156 -18.45 8.62 29.13
C VAL A 156 -17.24 7.72 29.17
N PRO A 157 -16.76 7.26 28.00
CA PRO A 157 -15.46 6.60 27.96
C PRO A 157 -14.30 7.58 28.07
N SER A 158 -13.29 7.16 28.82
CA SER A 158 -12.07 7.92 28.97
C SER A 158 -11.16 7.67 27.77
N PHE A 159 -9.93 8.18 27.86
CA PHE A 159 -8.93 7.87 26.87
C PHE A 159 -8.59 6.39 26.85
N ASN A 160 -8.24 5.86 28.02
CA ASN A 160 -7.92 4.44 28.15
C ASN A 160 -9.04 3.58 27.62
N ASP A 161 -10.29 4.01 27.83
CA ASP A 161 -11.43 3.27 27.34
C ASP A 161 -11.43 3.20 25.82
N ARG A 162 -11.12 4.30 25.15
CA ARG A 162 -11.06 4.29 23.69
C ARG A 162 -9.90 3.45 23.21
N THR A 163 -8.78 3.47 23.93
CA THR A 163 -7.62 2.70 23.50
C THR A 163 -7.73 1.22 23.83
N TYR A 164 -8.62 0.83 24.72
CA TYR A 164 -8.74 -0.57 25.05
C TYR A 164 -9.28 -1.33 23.84
N TYR A 165 -8.91 -2.61 23.77
CA TYR A 165 -9.10 -3.51 22.63
C TYR A 165 -8.19 -3.16 21.45
N LEU A 166 -7.34 -2.14 21.57
CA LEU A 166 -6.44 -1.71 20.52
C LEU A 166 -5.02 -1.76 21.06
N ARG A 167 -4.88 -1.12 22.23
CA ARG A 167 -3.64 -1.12 22.98
C ARG A 167 -3.20 -2.54 23.30
N GLN A 168 -4.15 -3.38 23.72
CA GLN A 168 -3.86 -4.77 24.03
C GLN A 168 -3.35 -5.52 22.80
N ARG A 169 -3.90 -5.19 21.62
CA ARG A 169 -3.48 -5.88 20.41
C ARG A 169 -2.05 -5.48 20.04
N LEU A 170 -1.72 -4.19 20.22
CA LEU A 170 -0.34 -3.78 20.07
C LEU A 170 0.58 -4.55 21.00
N ARG A 171 0.13 -4.74 22.25
CA ARG A 171 0.94 -5.44 23.23
C ARG A 171 1.22 -6.87 22.80
N ARG A 172 0.19 -7.57 22.32
CA ARG A 172 0.37 -8.93 21.85
C ARG A 172 1.36 -8.98 20.69
N THR A 173 1.24 -8.05 19.75
CA THR A 173 2.16 -8.03 18.63
C THR A 173 3.60 -7.82 19.09
N SER A 174 3.80 -6.93 20.06
CA SER A 174 5.14 -6.71 20.61
C SER A 174 5.70 -7.97 21.22
N ARG A 175 4.87 -8.69 21.98
CA ARG A 175 5.26 -9.98 22.54
C ARG A 175 5.76 -10.91 21.45
N LYS A 176 4.99 -11.01 20.37
CA LYS A 176 5.40 -11.92 19.29
C LYS A 176 6.66 -11.45 18.58
N ILE A 177 6.94 -10.14 18.61
CA ILE A 177 8.13 -9.64 17.94
C ILE A 177 9.39 -9.96 18.74
N SER A 178 9.29 -9.92 20.07
CA SER A 178 10.49 -10.00 20.92
C SER A 178 11.28 -11.29 20.66
N LYS A 179 10.59 -12.43 20.66
CA LYS A 179 11.26 -13.71 20.48
C LYS A 179 11.99 -13.75 19.14
N LEU A 180 11.31 -13.38 18.07
CA LEU A 180 11.90 -13.41 16.75
C LEU A 180 13.13 -12.51 16.68
N ALA A 181 13.10 -11.39 17.41
CA ALA A 181 14.27 -10.53 17.49
C ALA A 181 15.44 -11.27 18.13
N ALA A 182 15.16 -12.01 19.21
CA ALA A 182 16.23 -12.80 19.84
C ALA A 182 16.81 -13.84 18.89
N ILE A 183 15.93 -14.46 18.10
CA ILE A 183 16.39 -15.46 17.13
C ILE A 183 17.34 -14.82 16.14
N LYS A 184 16.97 -13.64 15.63
CA LYS A 184 17.83 -12.93 14.70
C LYS A 184 19.16 -12.59 15.34
N GLU A 185 19.13 -12.18 16.60
CA GLU A 185 20.36 -11.89 17.34
C GLU A 185 21.30 -13.09 17.32
N GLU A 186 20.77 -14.25 17.71
CA GLU A 186 21.59 -15.47 17.76
C GLU A 186 22.22 -15.77 16.40
N CYS A 187 21.38 -15.78 15.35
CA CYS A 187 21.88 -16.17 14.03
C CYS A 187 22.94 -15.19 13.53
N ASP A 188 22.71 -13.89 13.70
CA ASP A 188 23.67 -12.90 13.25
C ASP A 188 25.00 -13.05 13.97
N LYS A 189 24.95 -13.32 15.28
CA LYS A 189 26.20 -13.47 16.03
C LYS A 189 26.97 -14.69 15.55
N ALA A 190 26.27 -15.79 15.28
CA ALA A 190 26.95 -16.98 14.74
C ALA A 190 27.68 -16.67 13.45
N ALA A 191 26.96 -16.08 12.48
CA ALA A 191 27.57 -15.80 11.19
C ALA A 191 28.73 -14.81 11.33
N HIS A 192 28.59 -13.84 12.23
CA HIS A 192 29.63 -12.84 12.41
C HIS A 192 30.90 -13.47 12.97
N ARG A 193 30.76 -14.39 13.93
CA ARG A 193 31.95 -15.05 14.46
C ARG A 193 32.64 -15.87 13.38
N GLY A 194 31.86 -16.57 12.55
CA GLY A 194 32.45 -17.32 11.46
C GLY A 194 33.27 -16.43 10.54
N ALA A 195 32.67 -15.32 10.09
CA ALA A 195 33.36 -14.41 9.19
C ALA A 195 34.63 -13.85 9.82
N GLN A 196 34.53 -13.41 11.09
CA GLN A 196 35.67 -12.79 11.76
C GLN A 196 36.83 -13.77 11.85
N ARG A 197 36.55 -15.01 12.25
CA ARG A 197 37.62 -15.97 12.44
C ARG A 197 38.30 -16.33 11.12
N ILE A 198 37.51 -16.67 10.10
CA ILE A 198 38.13 -17.03 8.83
C ILE A 198 38.89 -15.85 8.24
N ALA A 199 38.40 -14.63 8.47
CA ALA A 199 39.09 -13.44 8.00
C ALA A 199 40.45 -13.29 8.65
N LEU A 200 40.50 -13.42 9.98
CA LEU A 200 41.79 -13.30 10.66
C LEU A 200 42.75 -14.39 10.21
N ALA A 201 42.23 -15.59 9.92
CA ALA A 201 43.09 -16.65 9.40
C ALA A 201 43.73 -16.23 8.08
N GLY A 202 42.91 -15.72 7.16
CA GLY A 202 43.46 -15.26 5.89
C GLY A 202 44.49 -14.14 6.06
N CYS A 203 44.25 -13.25 7.03
CA CYS A 203 45.19 -12.16 7.27
C CYS A 203 46.53 -12.71 7.73
N GLY A 204 46.48 -13.70 8.63
CA GLY A 204 47.71 -14.34 9.05
C GLY A 204 48.45 -14.99 7.89
N GLY A 205 47.69 -15.60 6.98
CA GLY A 205 48.31 -16.19 5.81
C GLY A 205 49.05 -15.17 4.97
N LEU A 206 48.41 -14.03 4.71
CA LEU A 206 49.06 -13.00 3.90
C LEU A 206 50.31 -12.46 4.58
N ILE A 207 50.23 -12.24 5.90
CA ILE A 207 51.41 -11.72 6.59
C ILE A 207 52.54 -12.75 6.57
N GLY A 208 52.19 -14.02 6.64
CA GLY A 208 53.22 -15.05 6.50
C GLY A 208 53.88 -15.00 5.14
N TYR A 209 53.09 -14.82 4.09
CA TYR A 209 53.64 -14.69 2.75
C TYR A 209 54.58 -13.49 2.67
N TRP A 210 54.20 -12.40 3.35
CA TRP A 210 55.03 -11.20 3.34
C TRP A 210 56.40 -11.48 3.94
N TYR A 211 56.40 -12.09 5.13
CA TYR A 211 57.67 -12.39 5.79
C TYR A 211 58.51 -13.34 4.95
N ILE A 212 57.86 -14.33 4.33
CA ILE A 212 58.58 -15.30 3.54
C ILE A 212 59.27 -14.63 2.36
N VAL A 213 58.55 -13.75 1.68
CA VAL A 213 59.13 -13.10 0.52
C VAL A 213 60.27 -12.20 0.94
N TYR A 214 60.13 -11.51 2.07
CA TYR A 214 61.19 -10.61 2.52
C TYR A 214 62.45 -11.38 2.85
N ARG A 215 62.31 -12.49 3.59
CA ARG A 215 63.48 -13.30 3.94
C ARG A 215 64.12 -13.90 2.71
N LEU A 216 63.31 -14.50 1.82
CA LEU A 216 63.86 -15.13 0.65
C LEU A 216 64.55 -14.12 -0.27
N THR A 217 64.06 -12.89 -0.29
CA THR A 217 64.72 -11.86 -1.08
C THR A 217 66.06 -11.51 -0.47
N PHE A 218 66.05 -11.03 0.77
CA PHE A 218 67.22 -10.38 1.36
C PHE A 218 67.94 -11.27 2.37
N GLU A 219 67.90 -12.59 2.17
CA GLU A 219 68.66 -13.51 2.99
C GLU A 219 69.24 -14.68 2.20
N THR A 220 69.25 -14.61 0.87
CA THR A 220 69.72 -15.72 0.04
C THR A 220 70.50 -15.16 -1.14
N ASP A 221 70.98 -16.12 -1.93
CA ASP A 221 71.64 -15.86 -3.20
C ASP A 221 70.65 -16.21 -4.33
N LEU A 222 69.47 -16.72 -3.97
CA LEU A 222 68.47 -17.09 -4.97
C LEU A 222 68.02 -15.86 -5.75
N GLY A 223 67.36 -14.91 -5.07
CA GLY A 223 67.05 -13.63 -5.66
C GLY A 223 65.71 -13.56 -6.35
N TRP A 224 65.32 -12.32 -6.66
CA TRP A 224 64.07 -12.06 -7.37
C TRP A 224 64.03 -12.79 -8.70
N ASP A 225 65.20 -12.97 -9.32
CA ASP A 225 65.32 -13.71 -10.57
C ASP A 225 64.90 -15.17 -10.42
N VAL A 226 64.68 -15.64 -9.19
CA VAL A 226 64.07 -16.93 -8.94
C VAL A 226 62.71 -16.78 -8.28
N MET A 227 62.44 -15.67 -7.60
CA MET A 227 61.23 -15.55 -6.81
C MET A 227 60.02 -15.06 -7.61
N GLU A 228 60.24 -14.19 -8.60
CA GLU A 228 59.14 -13.61 -9.37
C GLU A 228 58.17 -14.64 -9.93
N PRO A 229 58.61 -15.72 -10.57
CA PRO A 229 57.64 -16.70 -11.09
C PRO A 229 56.84 -17.35 -10.00
N VAL A 230 57.45 -17.58 -8.85
CA VAL A 230 56.73 -18.12 -7.71
C VAL A 230 55.55 -17.23 -7.36
N THR A 231 55.77 -15.90 -7.45
CA THR A 231 54.71 -14.96 -7.14
C THR A 231 53.60 -15.03 -8.17
N TYR A 232 53.98 -15.06 -9.45
CA TYR A 232 52.96 -15.15 -10.50
C TYR A 232 52.12 -16.40 -10.32
N LEU A 233 52.77 -17.52 -10.05
CA LEU A 233 52.09 -18.79 -9.92
C LEU A 233 51.20 -18.82 -8.69
N VAL A 234 51.65 -18.20 -7.60
CA VAL A 234 50.86 -18.17 -6.37
C VAL A 234 49.61 -17.30 -6.57
N GLY A 235 49.76 -16.17 -7.25
CA GLY A 235 48.60 -15.35 -7.55
C GLY A 235 47.59 -16.09 -8.39
N LEU A 236 48.07 -16.85 -9.37
CA LEU A 236 47.17 -17.60 -10.22
C LEU A 236 46.48 -18.71 -9.44
N SER A 237 47.21 -19.34 -8.51
CA SER A 237 46.60 -20.35 -7.65
C SER A 237 45.51 -19.74 -6.78
N THR A 238 45.74 -18.52 -6.30
CA THR A 238 44.73 -17.85 -5.50
C THR A 238 43.49 -17.57 -6.34
N LEU A 239 43.68 -17.14 -7.58
CA LEU A 239 42.54 -16.94 -8.47
C LEU A 239 41.76 -18.24 -8.64
N ILE A 240 42.46 -19.34 -8.84
CA ILE A 240 41.81 -20.64 -9.05
C ILE A 240 40.99 -21.02 -7.81
N GLY A 241 41.60 -20.88 -6.63
CA GLY A 241 40.89 -21.22 -5.41
C GLY A 241 39.66 -20.35 -5.19
N GLY A 242 39.77 -19.05 -5.49
CA GLY A 242 38.63 -18.18 -5.33
C GLY A 242 37.51 -18.53 -6.28
N TYR A 243 37.89 -18.88 -7.50
CA TYR A 243 36.95 -19.27 -8.53
C TYR A 243 36.20 -20.53 -8.10
N MET A 244 36.92 -21.48 -7.51
CA MET A 244 36.32 -22.73 -7.08
C MET A 244 35.39 -22.52 -5.89
N TRP A 245 35.79 -21.63 -4.97
CA TRP A 245 34.95 -21.32 -3.82
C TRP A 245 33.64 -20.68 -4.29
N PHE A 246 33.74 -19.76 -5.24
CA PHE A 246 32.56 -19.11 -5.80
C PHE A 246 31.63 -20.13 -6.42
N LEU A 247 32.19 -21.05 -7.20
CA LEU A 247 31.40 -22.09 -7.84
C LEU A 247 30.68 -22.94 -6.79
N TRP A 248 31.42 -23.35 -5.77
CA TRP A 248 30.88 -24.20 -4.71
C TRP A 248 29.75 -23.50 -3.97
N HIS A 249 29.91 -22.21 -3.71
CA HIS A 249 28.89 -21.42 -3.03
C HIS A 249 27.63 -21.39 -3.90
N ASN A 250 27.79 -21.17 -5.21
CA ASN A 250 26.64 -21.22 -6.10
C ASN A 250 26.08 -22.63 -6.21
N ARG A 251 26.89 -23.66 -5.96
CA ARG A 251 26.42 -25.03 -6.03
C ARG A 251 25.34 -25.30 -5.00
N LEU A 270 18.63 -19.86 5.36
CA LEU A 270 19.71 -19.70 6.32
C LEU A 270 19.17 -19.90 7.73
N TYR A 271 18.06 -19.21 8.02
CA TYR A 271 17.38 -19.34 9.32
C TYR A 271 16.57 -20.61 9.28
N GLN A 272 17.20 -21.73 9.62
CA GLN A 272 16.57 -23.04 9.48
C GLN A 272 15.93 -23.52 10.79
N ALA A 273 16.74 -23.71 11.83
CA ALA A 273 16.27 -24.39 13.03
C ALA A 273 15.27 -23.54 13.79
N LYS A 274 15.70 -22.37 14.26
CA LYS A 274 14.79 -21.35 14.76
C LYS A 274 14.28 -20.55 13.56
N GLY A 275 13.61 -21.26 12.67
CA GLY A 275 13.30 -20.73 11.35
C GLY A 275 12.12 -19.78 11.40
N PHE A 276 12.26 -18.66 10.70
CA PHE A 276 11.17 -17.71 10.53
C PHE A 276 11.33 -17.01 9.20
N SER A 277 10.33 -16.18 8.89
CA SER A 277 10.35 -15.35 7.70
C SER A 277 10.70 -13.92 8.08
N LEU A 278 11.64 -13.34 7.33
CA LEU A 278 11.92 -11.92 7.47
C LEU A 278 10.68 -11.09 7.15
N GLN A 279 9.83 -11.59 6.24
CA GLN A 279 8.63 -10.86 5.86
C GLN A 279 7.56 -10.93 6.93
N ASP A 280 7.52 -12.02 7.71
CA ASP A 280 6.59 -12.09 8.83
C ASP A 280 6.93 -11.03 9.87
N TRP A 281 8.20 -10.99 10.26
CA TRP A 281 8.70 -9.94 11.15
C TRP A 281 8.39 -8.56 10.58
N GLU A 282 8.62 -8.38 9.28
CA GLU A 282 8.37 -7.08 8.64
C GLU A 282 6.90 -6.71 8.72
N GLY A 283 6.01 -7.67 8.47
CA GLY A 283 4.59 -7.37 8.49
C GLY A 283 4.09 -7.03 9.88
N TYR A 284 4.59 -7.75 10.89
CA TYR A 284 4.23 -7.40 12.26
C TYR A 284 4.68 -5.99 12.59
N LEU A 285 5.91 -5.62 12.22
CA LEU A 285 6.38 -4.27 12.46
C LEU A 285 5.51 -3.24 11.74
N GLU A 286 5.13 -3.57 10.50
CA GLU A 286 4.28 -2.68 9.72
C GLU A 286 2.95 -2.44 10.41
N GLU A 287 2.35 -3.50 10.95
CA GLU A 287 1.12 -3.34 11.70
C GLU A 287 1.32 -2.43 12.90
N ALA A 288 2.39 -2.69 13.66
CA ALA A 288 2.62 -1.95 14.90
C ALA A 288 2.78 -0.46 14.64
N ASN A 289 3.44 -0.11 13.54
CA ASN A 289 3.64 1.31 13.23
C ASN A 289 2.29 2.03 13.10
N ALA A 290 1.40 1.49 12.27
CA ALA A 290 0.12 2.14 12.06
C ALA A 290 -0.73 2.14 13.32
N MET A 291 -0.62 1.09 14.13
CA MET A 291 -1.35 1.08 15.40
C MET A 291 -0.90 2.23 16.29
N ARG A 292 0.42 2.44 16.36
CA ARG A 292 0.94 3.55 17.15
C ARG A 292 0.48 4.88 16.58
N ARG A 293 0.40 4.98 15.25
CA ARG A 293 -0.05 6.24 14.65
C ARG A 293 -1.48 6.55 15.06
N GLU A 294 -2.35 5.55 15.00
CA GLU A 294 -3.74 5.74 15.42
C GLU A 294 -3.81 6.17 16.88
N ILE A 295 -3.04 5.52 17.73
CA ILE A 295 -3.09 5.81 19.16
C ILE A 295 -2.63 7.23 19.42
N LYS A 296 -1.53 7.64 18.79
CA LYS A 296 -1.04 8.99 18.99
C LYS A 296 -1.99 10.02 18.43
N ALA A 297 -2.70 9.69 17.35
CA ALA A 297 -3.71 10.58 16.81
C ALA A 297 -4.80 10.82 17.85
N VAL A 298 -5.31 9.75 18.45
CA VAL A 298 -6.34 9.90 19.46
C VAL A 298 -5.81 10.68 20.65
N ALA A 299 -4.55 10.44 21.01
CA ALA A 299 -3.93 11.13 22.14
C ALA A 299 -3.90 12.63 21.90
N SER A 300 -3.44 13.04 20.71
CA SER A 300 -3.49 14.44 20.34
C SER A 300 -4.91 14.96 20.35
N GLU A 301 -5.88 14.11 19.99
CA GLU A 301 -7.26 14.56 19.95
C GLU A 301 -7.77 14.89 21.35
N TYR A 302 -7.30 14.16 22.36
CA TYR A 302 -7.58 14.50 23.76
C TYR A 302 -6.45 15.27 24.42
N ASP A 303 -5.25 15.23 23.87
CA ASP A 303 -4.09 15.92 24.44
C ASP A 303 -3.78 15.41 25.85
N VAL A 304 -3.49 14.10 25.93
CA VAL A 304 -3.23 13.44 27.22
C VAL A 304 -1.94 12.61 27.13
N ASP A 305 -0.98 13.09 26.33
CA ASP A 305 0.45 12.72 26.37
C ASP A 305 0.75 11.24 26.62
N TRP A 306 0.37 10.40 25.66
CA TRP A 306 0.38 8.96 25.89
C TRP A 306 1.78 8.41 26.09
N ASN A 307 1.89 7.46 27.03
CA ASN A 307 3.10 6.70 27.27
C ASN A 307 2.92 5.30 26.73
N GLU A 308 3.96 4.77 26.08
CA GLU A 308 3.89 3.41 25.57
C GLU A 308 3.88 2.39 26.68
N THR A 309 4.48 2.71 27.82
CA THR A 309 4.52 1.79 28.96
C THR A 309 3.26 1.93 29.80
N THR B 8 -30.03 34.93 -9.03
CA THR B 8 -30.08 34.01 -7.91
C THR B 8 -29.27 34.53 -6.73
N THR B 9 -29.93 35.34 -5.90
CA THR B 9 -29.29 35.83 -4.67
C THR B 9 -28.86 34.71 -3.74
N PRO B 10 -29.70 33.74 -3.37
CA PRO B 10 -29.28 32.76 -2.37
C PRO B 10 -28.26 31.79 -2.93
N SER B 11 -27.69 30.99 -2.06
CA SER B 11 -26.58 30.13 -2.47
C SER B 11 -26.29 29.10 -1.40
N ARG B 12 -25.28 28.29 -1.67
CA ARG B 12 -24.79 27.27 -0.75
C ARG B 12 -23.31 27.56 -0.50
N LEU B 13 -23.00 28.00 0.70
CA LEU B 13 -21.65 28.33 1.09
C LEU B 13 -21.03 27.14 1.78
N LEU B 14 -19.71 27.02 1.67
CA LEU B 14 -18.95 26.00 2.35
C LEU B 14 -18.35 26.53 3.64
N LYS B 15 -18.11 25.61 4.56
CA LYS B 15 -17.26 25.83 5.71
C LYS B 15 -16.37 24.59 5.83
N LEU B 16 -15.39 24.66 6.74
CA LEU B 16 -14.29 23.72 6.80
C LEU B 16 -14.70 22.25 6.72
N VAL B 17 -15.86 21.88 7.26
CA VAL B 17 -16.38 20.52 7.11
C VAL B 17 -17.81 20.55 6.60
N LEU B 18 -18.68 21.22 7.34
CA LEU B 18 -20.11 21.12 7.15
C LEU B 18 -20.61 22.22 6.22
N PRO B 19 -21.33 21.90 5.15
CA PRO B 19 -21.89 22.97 4.31
C PRO B 19 -22.87 23.86 5.07
N LEU B 20 -23.26 24.92 4.37
CA LEU B 20 -24.14 25.96 4.88
C LEU B 20 -25.01 26.43 3.73
N SER B 21 -26.27 26.75 4.02
CA SER B 21 -27.21 27.19 3.00
C SER B 21 -27.70 28.58 3.37
N THR B 22 -27.51 29.53 2.46
CA THR B 22 -28.03 30.89 2.61
C THR B 22 -29.26 31.01 1.74
N VAL B 23 -30.43 30.96 2.36
CA VAL B 23 -31.71 30.99 1.67
C VAL B 23 -32.29 32.38 1.82
N ASP B 24 -32.74 32.96 0.70
CA ASP B 24 -33.23 34.33 0.64
C ASP B 24 -34.71 34.29 0.32
N HIS B 25 -35.49 35.05 1.09
CA HIS B 25 -36.93 35.11 0.94
C HIS B 25 -37.40 36.47 0.44
N ALA B 33 -34.51 38.85 6.66
CA ALA B 33 -33.33 38.77 5.80
C ALA B 33 -33.04 37.30 5.45
N PRO B 34 -32.19 37.05 4.46
CA PRO B 34 -31.82 35.66 4.16
C PRO B 34 -31.11 35.03 5.34
N LEU B 35 -31.40 33.76 5.56
CA LEU B 35 -30.93 33.05 6.75
C LEU B 35 -29.94 31.95 6.38
N ALA B 36 -29.01 31.70 7.30
CA ALA B 36 -27.93 30.75 7.13
C ALA B 36 -28.21 29.53 7.98
N LEU B 37 -28.24 28.36 7.35
CA LEU B 37 -28.58 27.11 8.02
C LEU B 37 -27.46 26.10 7.84
N LEU B 38 -27.10 25.45 8.93
CA LEU B 38 -26.02 24.45 8.97
C LEU B 38 -26.58 23.05 8.86
N VAL B 39 -25.89 22.20 8.11
CA VAL B 39 -26.28 20.82 7.90
C VAL B 39 -25.02 19.96 7.78
N HIS B 40 -25.18 18.68 8.05
CA HIS B 40 -24.13 17.67 7.92
C HIS B 40 -24.35 16.85 6.65
N PRO B 41 -23.31 16.43 5.93
CA PRO B 41 -23.55 15.83 4.61
C PRO B 41 -24.35 14.55 4.63
N GLN B 42 -24.23 13.74 5.67
CA GLN B 42 -25.00 12.51 5.76
C GLN B 42 -26.43 12.74 6.25
N GLN B 43 -26.81 13.99 6.48
CA GLN B 43 -28.04 14.30 7.17
C GLN B 43 -29.18 14.41 6.15
N PRO B 44 -30.22 13.58 6.25
CA PRO B 44 -31.19 13.51 5.15
C PRO B 44 -32.02 14.77 5.00
N LEU B 45 -32.59 14.91 3.81
CA LEU B 45 -33.32 16.11 3.43
C LEU B 45 -34.55 16.36 4.29
N SER B 46 -35.14 15.32 4.88
CA SER B 46 -36.31 15.54 5.70
C SER B 46 -35.98 16.40 6.91
N TYR B 47 -34.75 16.31 7.42
CA TYR B 47 -34.32 17.22 8.47
C TYR B 47 -34.36 18.65 7.97
N LEU B 48 -33.94 18.86 6.72
CA LEU B 48 -33.98 20.18 6.14
C LEU B 48 -35.40 20.67 6.03
N GLU B 49 -36.33 19.78 5.66
CA GLU B 49 -37.74 20.12 5.62
C GLU B 49 -38.22 20.57 6.99
N ARG B 50 -37.84 19.83 8.03
CA ARG B 50 -38.32 20.16 9.36
C ARG B 50 -37.78 21.50 9.82
N LEU B 51 -36.51 21.78 9.51
CA LEU B 51 -35.93 23.08 9.80
C LEU B 51 -36.72 24.20 9.13
N ILE B 52 -36.85 24.13 7.81
CA ILE B 52 -37.50 25.20 7.06
C ILE B 52 -38.95 25.35 7.51
N GLN B 53 -39.63 24.24 7.81
CA GLN B 53 -41.00 24.30 8.28
C GLN B 53 -41.09 25.05 9.60
N ALA B 54 -40.24 24.70 10.56
CA ALA B 54 -40.30 25.38 11.85
C ALA B 54 -39.84 26.83 11.72
N GLU B 55 -39.09 27.16 10.68
CA GLU B 55 -38.57 28.51 10.53
C GLU B 55 -39.67 29.50 10.18
N LEU B 56 -40.73 29.04 9.54
CA LEU B 56 -41.66 29.90 8.83
C LEU B 56 -43.08 29.73 9.36
N PRO B 57 -43.98 30.69 9.08
CA PRO B 57 -45.36 30.50 9.53
C PRO B 57 -46.11 29.43 8.73
N GLU B 110 -47.37 24.07 4.25
CA GLU B 110 -46.35 23.38 5.04
C GLU B 110 -45.43 22.53 4.16
N GLY B 111 -45.97 21.97 3.10
CA GLY B 111 -45.25 21.04 2.26
C GLY B 111 -44.00 21.62 1.63
N GLU B 112 -43.27 20.79 0.86
CA GLU B 112 -42.00 21.22 0.31
C GLU B 112 -41.55 20.21 -0.73
N GLY B 113 -40.70 20.68 -1.65
CA GLY B 113 -40.21 19.83 -2.73
C GLY B 113 -38.92 20.35 -3.30
N LYS B 114 -38.13 19.41 -3.81
CA LYS B 114 -36.81 19.68 -4.36
C LYS B 114 -36.81 19.36 -5.84
N ASP B 115 -35.84 19.90 -6.57
CA ASP B 115 -35.74 19.65 -8.01
C ASP B 115 -34.31 19.84 -8.49
N GLU B 116 -33.93 19.01 -9.47
CA GLU B 116 -32.60 19.04 -10.06
C GLU B 116 -32.69 18.48 -11.47
N GLY B 117 -31.60 18.65 -12.22
CA GLY B 117 -31.58 18.36 -13.65
C GLY B 117 -32.70 19.10 -14.33
N GLU B 118 -33.26 18.49 -15.36
CA GLU B 118 -34.63 18.82 -15.72
C GLU B 118 -35.49 18.46 -14.52
N PHE B 119 -36.43 19.34 -14.17
CA PHE B 119 -36.90 19.42 -12.80
C PHE B 119 -37.67 18.15 -12.44
N VAL B 120 -37.02 17.25 -11.70
CA VAL B 120 -37.63 16.05 -11.16
C VAL B 120 -37.57 16.12 -9.64
N ARG B 121 -38.63 15.66 -9.00
CA ARG B 121 -38.66 15.62 -7.54
C ARG B 121 -37.90 14.39 -7.06
N TRP B 122 -36.96 14.61 -6.17
CA TRP B 122 -36.18 13.56 -5.55
C TRP B 122 -36.93 13.03 -4.33
N SER B 123 -36.39 11.97 -3.74
CA SER B 123 -36.95 11.45 -2.52
C SER B 123 -36.55 12.33 -1.34
N PRO B 124 -37.33 12.33 -0.26
CA PRO B 124 -36.96 13.13 0.90
C PRO B 124 -35.97 12.45 1.84
N SER B 125 -35.87 11.12 1.75
CA SER B 125 -34.93 10.37 2.59
C SER B 125 -33.60 10.15 1.92
N THR B 126 -33.31 10.86 0.84
CA THR B 126 -32.03 10.77 0.17
C THR B 126 -30.98 11.60 0.90
N GLU B 127 -29.75 11.11 0.86
CA GLU B 127 -28.61 11.76 1.48
C GLU B 127 -28.18 12.97 0.66
N ILE B 128 -27.60 13.95 1.36
CA ILE B 128 -27.18 15.19 0.71
C ILE B 128 -25.86 15.03 -0.02
N GLY B 129 -24.85 14.54 0.69
CA GLY B 129 -23.49 14.46 0.16
C GLY B 129 -23.35 13.72 -1.15
N ASP B 130 -24.37 12.97 -1.57
CA ASP B 130 -24.47 12.45 -2.91
C ASP B 130 -25.34 13.31 -3.80
N PHE B 131 -26.33 13.99 -3.21
CA PHE B 131 -27.28 14.79 -3.97
C PHE B 131 -26.62 16.01 -4.61
N ILE B 132 -25.78 16.69 -3.83
CA ILE B 132 -25.02 17.82 -4.33
C ILE B 132 -24.20 17.49 -5.57
N ARG B 133 -23.86 16.23 -5.79
CA ARG B 133 -23.05 15.87 -6.95
C ARG B 133 -23.88 15.97 -8.24
N ASP B 134 -25.03 15.31 -8.25
CA ASP B 134 -25.98 15.50 -9.34
C ASP B 134 -26.35 16.96 -9.52
N ALA B 135 -26.40 17.72 -8.43
CA ALA B 135 -26.63 19.15 -8.57
C ALA B 135 -25.47 19.81 -9.29
N ALA B 136 -24.24 19.40 -8.96
CA ALA B 136 -23.05 20.00 -9.54
C ALA B 136 -22.91 19.67 -11.00
N ARG B 137 -23.60 18.65 -11.47
CA ARG B 137 -23.65 18.40 -12.92
C ARG B 137 -24.12 19.65 -13.67
N ALA B 138 -25.02 20.44 -13.07
CA ALA B 138 -25.61 21.61 -13.71
C ALA B 138 -25.21 22.92 -13.07
N LYS B 139 -24.78 22.89 -11.80
CA LYS B 139 -24.42 24.10 -11.06
C LYS B 139 -25.67 24.95 -10.78
N GLU B 140 -26.80 24.29 -10.54
CA GLU B 140 -28.03 24.98 -10.15
C GLU B 140 -28.95 23.97 -9.49
N PHE B 141 -29.78 24.45 -8.56
CA PHE B 141 -30.65 23.58 -7.78
C PHE B 141 -31.92 24.27 -7.38
N GLU B 142 -33.07 23.61 -7.60
CA GLU B 142 -34.37 24.26 -7.51
C GLU B 142 -35.14 23.79 -6.29
N VAL B 143 -35.94 24.70 -5.73
CA VAL B 143 -36.71 24.48 -4.51
C VAL B 143 -38.13 25.00 -4.73
N GLU B 144 -39.11 24.29 -4.16
CA GLU B 144 -40.51 24.61 -4.30
C GLU B 144 -41.18 24.41 -2.95
N ILE B 145 -42.19 25.23 -2.66
CA ILE B 145 -42.84 25.26 -1.36
C ILE B 145 -44.34 25.27 -1.55
N GLU B 146 -45.03 24.37 -0.85
CA GLU B 146 -46.47 24.44 -0.70
C GLU B 146 -46.78 25.31 0.52
N GLY B 147 -47.31 26.50 0.27
CA GLY B 147 -47.49 27.52 1.28
C GLY B 147 -47.11 28.91 0.83
N SER B 148 -46.37 29.03 -0.27
CA SER B 148 -46.07 30.31 -0.89
C SER B 148 -45.97 30.08 -2.40
N PRO B 149 -46.12 31.13 -3.20
CA PRO B 149 -45.98 30.96 -4.65
C PRO B 149 -44.52 30.90 -5.09
N GLY B 150 -44.34 30.87 -6.41
CA GLY B 150 -43.04 31.01 -7.02
C GLY B 150 -42.19 29.75 -6.95
N VAL B 151 -40.96 29.91 -7.42
CA VAL B 151 -39.97 28.85 -7.42
C VAL B 151 -38.62 29.49 -7.11
N ILE B 152 -37.76 28.74 -6.43
CA ILE B 152 -36.48 29.26 -5.95
C ILE B 152 -35.35 28.52 -6.63
N LYS B 153 -34.28 29.25 -6.93
CA LYS B 153 -33.05 28.71 -7.49
C LYS B 153 -31.91 28.94 -6.51
N VAL B 154 -30.94 28.03 -6.53
CA VAL B 154 -29.87 28.02 -5.55
C VAL B 154 -28.59 27.58 -6.25
N ALA B 155 -27.47 28.13 -5.76
CA ALA B 155 -26.15 27.84 -6.29
C ALA B 155 -25.76 26.41 -5.97
N VAL B 156 -24.58 26.04 -6.47
CA VAL B 156 -23.96 24.76 -6.11
C VAL B 156 -22.45 24.95 -6.03
N PRO B 157 -21.77 24.18 -5.21
CA PRO B 157 -20.31 24.22 -5.22
C PRO B 157 -19.70 23.51 -6.42
N SER B 158 -18.41 23.77 -6.61
CA SER B 158 -17.59 23.09 -7.59
C SER B 158 -16.56 22.22 -6.88
N PHE B 159 -15.69 21.60 -7.68
CA PHE B 159 -14.62 20.81 -7.11
C PHE B 159 -13.65 21.68 -6.32
N ASN B 160 -13.17 22.75 -6.96
CA ASN B 160 -12.24 23.67 -6.30
C ASN B 160 -12.85 24.25 -5.04
N ASP B 161 -14.16 24.44 -5.02
CA ASP B 161 -14.83 24.93 -3.82
C ASP B 161 -14.68 23.94 -2.68
N ARG B 162 -14.99 22.66 -2.94
CA ARG B 162 -14.94 21.67 -1.87
C ARG B 162 -13.52 21.45 -1.37
N THR B 163 -12.56 21.46 -2.29
CA THR B 163 -11.18 21.24 -1.87
C THR B 163 -10.57 22.47 -1.22
N TYR B 164 -11.16 23.64 -1.41
CA TYR B 164 -10.66 24.85 -0.79
C TYR B 164 -10.93 24.79 0.71
N TYR B 165 -9.89 25.09 1.50
CA TYR B 165 -9.76 24.81 2.93
C TYR B 165 -9.36 23.37 3.19
N LEU B 166 -9.11 22.57 2.15
CA LEU B 166 -8.53 21.25 2.27
C LEU B 166 -7.26 21.08 1.45
N ARG B 167 -7.00 22.01 0.54
CA ARG B 167 -5.85 21.98 -0.35
C ARG B 167 -4.72 22.86 0.18
N GLN B 168 -5.09 23.93 0.88
CA GLN B 168 -4.13 24.81 1.53
C GLN B 168 -3.24 24.05 2.51
N ARG B 169 -3.82 23.06 3.20
CA ARG B 169 -3.04 22.29 4.18
C ARG B 169 -1.95 21.49 3.48
N LEU B 170 -2.30 20.84 2.37
CA LEU B 170 -1.32 20.15 1.54
C LEU B 170 -0.21 21.11 1.15
N ARG B 171 -0.57 22.32 0.73
CA ARG B 171 0.42 23.29 0.30
C ARG B 171 1.40 23.63 1.43
N ARG B 172 0.86 23.91 2.62
CA ARG B 172 1.70 24.25 3.77
C ARG B 172 2.62 23.10 4.13
N THR B 173 2.09 21.88 4.09
CA THR B 173 2.91 20.73 4.44
C THR B 173 4.04 20.55 3.44
N SER B 174 3.76 20.80 2.16
CA SER B 174 4.81 20.77 1.15
C SER B 174 5.89 21.80 1.46
N ARG B 175 5.48 22.98 1.94
CA ARG B 175 6.47 24.01 2.30
C ARG B 175 7.39 23.51 3.41
N LYS B 176 6.80 22.96 4.47
CA LYS B 176 7.60 22.42 5.57
C LYS B 176 8.59 21.37 5.05
N ILE B 177 8.10 20.48 4.18
CA ILE B 177 8.94 19.42 3.64
C ILE B 177 10.11 20.01 2.87
N SER B 178 9.85 21.05 2.08
CA SER B 178 10.92 21.68 1.31
C SER B 178 12.00 22.23 2.23
N LYS B 179 11.57 22.90 3.30
CA LYS B 179 12.53 23.46 4.25
C LYS B 179 13.42 22.37 4.85
N LEU B 180 12.79 21.33 5.39
CA LEU B 180 13.56 20.28 6.05
C LEU B 180 14.47 19.56 5.06
N ALA B 181 14.02 19.41 3.81
CA ALA B 181 14.85 18.81 2.78
C ALA B 181 16.09 19.66 2.52
N ALA B 182 15.91 20.98 2.50
CA ALA B 182 17.06 21.87 2.30
C ALA B 182 18.09 21.67 3.40
N ILE B 183 17.62 21.58 4.66
CA ILE B 183 18.53 21.39 5.78
C ILE B 183 19.30 20.07 5.63
N LYS B 184 18.56 19.00 5.35
CA LYS B 184 19.15 17.69 5.08
C LYS B 184 20.25 17.78 4.03
N GLU B 185 19.93 18.46 2.93
CA GLU B 185 20.87 18.58 1.82
C GLU B 185 22.13 19.31 2.26
N GLU B 186 21.99 20.35 3.08
CA GLU B 186 23.16 21.10 3.54
C GLU B 186 24.10 20.20 4.34
N CYS B 187 23.55 19.46 5.30
CA CYS B 187 24.42 18.58 6.10
C CYS B 187 25.08 17.53 5.21
N ASP B 188 24.35 17.04 4.21
CA ASP B 188 24.94 16.07 3.29
C ASP B 188 26.12 16.66 2.55
N LYS B 189 25.98 17.92 2.11
CA LYS B 189 27.09 18.57 1.41
C LYS B 189 28.29 18.72 2.32
N ALA B 190 28.06 18.99 3.61
CA ALA B 190 29.18 19.11 4.55
C ALA B 190 29.97 17.80 4.62
N ALA B 191 29.25 16.69 4.83
CA ALA B 191 29.94 15.39 4.90
C ALA B 191 30.65 15.06 3.59
N HIS B 192 30.02 15.41 2.47
CA HIS B 192 30.62 15.14 1.17
C HIS B 192 31.92 15.93 0.98
N ARG B 193 31.95 17.17 1.45
CA ARG B 193 33.16 17.98 1.34
C ARG B 193 34.28 17.38 2.18
N GLY B 194 33.97 16.92 3.38
CA GLY B 194 34.98 16.23 4.18
C GLY B 194 35.57 15.02 3.46
N ALA B 195 34.69 14.22 2.85
CA ALA B 195 35.16 13.06 2.09
C ALA B 195 36.06 13.47 0.93
N GLN B 196 35.67 14.52 0.20
CA GLN B 196 36.48 15.00 -0.91
C GLN B 196 37.86 15.43 -0.45
N ARG B 197 37.91 16.11 0.70
CA ARG B 197 39.19 16.52 1.28
C ARG B 197 40.09 15.30 1.51
N ILE B 198 39.55 14.27 2.17
CA ILE B 198 40.36 13.09 2.44
C ILE B 198 40.79 12.40 1.13
N ALA B 199 39.92 12.43 0.13
CA ALA B 199 40.24 11.75 -1.12
C ALA B 199 41.39 12.41 -1.85
N LEU B 200 41.37 13.75 -1.93
CA LEU B 200 42.47 14.45 -2.58
C LEU B 200 43.77 14.26 -1.79
N ALA B 201 43.66 14.24 -0.45
CA ALA B 201 44.82 13.92 0.37
C ALA B 201 45.40 12.56 0.00
N GLY B 202 44.53 11.60 -0.31
CA GLY B 202 45.03 10.29 -0.71
C GLY B 202 45.70 10.31 -2.07
N CYS B 203 45.08 10.98 -3.03
CA CYS B 203 45.60 11.02 -4.39
C CYS B 203 47.01 11.62 -4.45
N GLY B 204 47.25 12.62 -3.60
CA GLY B 204 48.58 13.22 -3.56
C GLY B 204 49.67 12.20 -3.28
N GLY B 205 49.38 11.23 -2.42
CA GLY B 205 50.37 10.23 -2.09
C GLY B 205 50.72 9.35 -3.27
N LEU B 206 49.73 8.97 -4.08
CA LEU B 206 50.02 8.16 -5.26
C LEU B 206 50.84 8.94 -6.26
N ILE B 207 50.54 10.22 -6.43
CA ILE B 207 51.33 11.01 -7.36
C ILE B 207 52.77 11.10 -6.88
N GLY B 208 52.96 11.28 -5.57
CA GLY B 208 54.31 11.31 -5.03
C GLY B 208 55.01 9.98 -5.19
N TYR B 209 54.26 8.88 -5.09
CA TYR B 209 54.82 7.55 -5.30
C TYR B 209 55.36 7.42 -6.72
N TRP B 210 54.57 7.84 -7.70
CA TRP B 210 55.01 7.80 -9.08
C TRP B 210 56.28 8.61 -9.27
N TYR B 211 56.32 9.80 -8.67
CA TYR B 211 57.50 10.66 -8.76
C TYR B 211 58.72 9.96 -8.19
N ILE B 212 58.56 9.36 -7.01
CA ILE B 212 59.68 8.68 -6.35
C ILE B 212 60.18 7.55 -7.22
N VAL B 213 59.27 6.80 -7.82
CA VAL B 213 59.67 5.65 -8.62
C VAL B 213 60.50 6.10 -9.81
N TYR B 214 60.01 7.12 -10.53
CA TYR B 214 60.74 7.57 -11.70
C TYR B 214 62.11 8.13 -11.31
N ARG B 215 62.16 8.92 -10.24
CA ARG B 215 63.43 9.53 -9.86
C ARG B 215 64.44 8.46 -9.47
N LEU B 216 64.04 7.52 -8.61
CA LEU B 216 64.98 6.50 -8.17
C LEU B 216 65.41 5.60 -9.31
N THR B 217 64.52 5.37 -10.28
CA THR B 217 64.89 4.49 -11.38
C THR B 217 65.84 5.18 -12.34
N PHE B 218 65.38 6.26 -12.97
CA PHE B 218 66.12 6.88 -14.06
C PHE B 218 66.96 8.07 -13.60
N GLU B 219 67.29 8.13 -12.31
CA GLU B 219 68.26 9.08 -11.79
C GLU B 219 69.35 8.41 -10.97
N THR B 220 69.41 7.07 -10.96
CA THR B 220 70.35 6.32 -10.16
C THR B 220 70.85 5.12 -10.93
N ASP B 221 71.74 4.37 -10.27
CA ASP B 221 72.30 3.14 -10.82
C ASP B 221 71.73 1.90 -10.13
N LEU B 222 70.76 2.06 -9.23
CA LEU B 222 70.19 0.91 -8.54
C LEU B 222 69.42 0.04 -9.50
N GLY B 223 68.34 0.56 -10.07
CA GLY B 223 67.69 -0.05 -11.21
C GLY B 223 66.43 -0.82 -10.84
N TRP B 224 65.70 -1.18 -11.90
CA TRP B 224 64.47 -1.95 -11.73
C TRP B 224 64.75 -3.30 -11.09
N ASP B 225 65.93 -3.87 -11.35
CA ASP B 225 66.31 -5.12 -10.70
C ASP B 225 66.35 -4.98 -9.19
N VAL B 226 66.53 -3.75 -8.70
CA VAL B 226 66.51 -3.46 -7.27
C VAL B 226 65.17 -2.94 -6.81
N MET B 227 64.34 -2.41 -7.71
CA MET B 227 63.10 -1.75 -7.34
C MET B 227 61.86 -2.62 -7.44
N GLU B 228 61.75 -3.44 -8.49
CA GLU B 228 60.60 -4.33 -8.71
C GLU B 228 60.15 -5.09 -7.47
N PRO B 229 61.03 -5.72 -6.69
CA PRO B 229 60.54 -6.44 -5.50
C PRO B 229 59.91 -5.50 -4.51
N VAL B 230 60.45 -4.29 -4.40
CA VAL B 230 59.86 -3.29 -3.52
C VAL B 230 58.46 -2.97 -3.99
N THR B 231 58.23 -2.99 -5.29
CA THR B 231 56.92 -2.69 -5.83
C THR B 231 55.93 -3.76 -5.45
N TYR B 232 56.29 -5.03 -5.67
CA TYR B 232 55.41 -6.12 -5.29
C TYR B 232 55.14 -6.09 -3.79
N LEU B 233 56.18 -5.75 -3.03
CA LEU B 233 56.09 -5.71 -1.58
C LEU B 233 55.10 -4.66 -1.12
N VAL B 234 55.19 -3.46 -1.70
CA VAL B 234 54.32 -2.37 -1.29
C VAL B 234 52.90 -2.64 -1.74
N GLY B 235 52.73 -3.27 -2.89
CA GLY B 235 51.37 -3.59 -3.33
C GLY B 235 50.68 -4.55 -2.39
N LEU B 236 51.41 -5.60 -1.97
CA LEU B 236 50.84 -6.54 -1.02
C LEU B 236 50.58 -5.86 0.32
N SER B 237 51.50 -4.99 0.74
CA SER B 237 51.32 -4.25 1.97
C SER B 237 50.06 -3.39 1.92
N THR B 238 49.77 -2.82 0.75
CA THR B 238 48.60 -1.97 0.62
C THR B 238 47.32 -2.79 0.69
N LEU B 239 47.30 -3.94 0.04
CA LEU B 239 46.16 -4.84 0.17
C LEU B 239 45.94 -5.20 1.63
N ILE B 240 47.03 -5.50 2.34
CA ILE B 240 46.95 -5.83 3.76
C ILE B 240 46.35 -4.67 4.55
N GLY B 241 46.81 -3.45 4.24
CA GLY B 241 46.33 -2.29 4.97
C GLY B 241 44.85 -2.08 4.79
N GLY B 242 44.37 -2.12 3.56
CA GLY B 242 42.95 -1.98 3.31
C GLY B 242 42.15 -3.08 3.99
N TYR B 243 42.76 -4.25 4.04
CA TYR B 243 42.16 -5.40 4.68
C TYR B 243 41.98 -5.10 6.17
N MET B 244 42.97 -4.44 6.76
CA MET B 244 42.92 -4.12 8.19
C MET B 244 41.90 -3.04 8.47
N TRP B 245 41.72 -2.12 7.52
CA TRP B 245 40.71 -1.07 7.64
C TRP B 245 39.34 -1.73 7.69
N PHE B 246 39.14 -2.69 6.78
CA PHE B 246 37.91 -3.48 6.76
C PHE B 246 37.67 -4.19 8.09
N LEU B 247 38.70 -4.86 8.60
CA LEU B 247 38.56 -5.61 9.84
C LEU B 247 38.17 -4.71 11.00
N TRP B 248 38.90 -3.61 11.15
CA TRP B 248 38.67 -2.68 12.24
C TRP B 248 37.29 -2.06 12.19
N HIS B 249 36.85 -1.72 10.99
CA HIS B 249 35.53 -1.15 10.76
C HIS B 249 34.43 -2.15 11.11
N ASN B 250 34.69 -3.43 10.82
CA ASN B 250 33.69 -4.47 11.08
C ASN B 250 33.77 -5.03 12.49
N ARG B 251 34.90 -4.86 13.18
CA ARG B 251 35.05 -5.36 14.54
C ARG B 251 34.32 -4.45 15.52
N LEU B 270 22.64 13.53 15.34
CA LEU B 270 23.85 14.02 14.68
C LEU B 270 23.68 15.49 14.30
N TYR B 271 22.47 15.86 13.92
CA TYR B 271 22.19 17.15 13.31
C TYR B 271 21.92 18.15 14.44
N GLN B 272 22.92 18.37 15.27
CA GLN B 272 22.81 19.43 16.26
C GLN B 272 22.85 20.82 15.62
N ALA B 273 23.25 20.92 14.36
CA ALA B 273 23.36 22.23 13.71
C ALA B 273 21.98 22.81 13.43
N LYS B 274 21.20 22.12 12.60
CA LYS B 274 19.79 22.45 12.36
C LYS B 274 19.05 21.12 12.39
N GLY B 275 18.65 20.72 13.60
CA GLY B 275 18.10 19.39 13.78
C GLY B 275 16.70 19.26 13.21
N PHE B 276 16.42 18.08 12.68
CA PHE B 276 15.07 17.72 12.25
C PHE B 276 14.86 16.23 12.51
N SER B 277 13.71 15.90 13.08
CA SER B 277 13.41 14.51 13.38
C SER B 277 12.97 13.79 12.12
N LEU B 278 13.60 12.65 11.83
CA LEU B 278 13.15 11.81 10.73
C LEU B 278 11.71 11.39 10.92
N GLN B 279 11.28 11.21 12.18
CA GLN B 279 9.88 10.93 12.44
C GLN B 279 8.99 12.06 11.95
N ASP B 280 9.45 13.30 12.08
CA ASP B 280 8.63 14.45 11.68
C ASP B 280 8.52 14.52 10.16
N TRP B 281 9.66 14.41 9.47
CA TRP B 281 9.71 14.30 8.02
C TRP B 281 8.76 13.21 7.53
N GLU B 282 8.90 12.01 8.11
CA GLU B 282 8.08 10.88 7.71
C GLU B 282 6.60 11.15 7.95
N GLY B 283 6.25 11.73 9.10
CA GLY B 283 4.86 11.98 9.41
C GLY B 283 4.24 12.98 8.46
N TYR B 284 4.95 14.07 8.19
CA TYR B 284 4.46 15.05 7.22
C TYR B 284 4.27 14.41 5.85
N LEU B 285 5.23 13.56 5.44
CA LEU B 285 5.14 12.96 4.12
C LEU B 285 3.92 12.05 4.01
N GLU B 286 3.72 11.19 5.00
CA GLU B 286 2.57 10.30 4.99
C GLU B 286 1.26 11.07 5.07
N GLU B 287 1.18 12.09 5.92
CA GLU B 287 -0.04 12.88 6.00
C GLU B 287 -0.37 13.54 4.67
N ALA B 288 0.65 14.09 4.00
CA ALA B 288 0.41 14.69 2.70
C ALA B 288 -0.10 13.67 1.70
N ASN B 289 0.47 12.47 1.70
CA ASN B 289 -0.01 11.46 0.76
C ASN B 289 -1.45 11.06 1.06
N ALA B 290 -1.83 11.01 2.33
CA ALA B 290 -3.22 10.71 2.67
C ALA B 290 -4.16 11.81 2.16
N MET B 291 -3.75 13.07 2.33
CA MET B 291 -4.52 14.18 1.78
C MET B 291 -4.69 14.02 0.27
N ARG B 292 -3.62 13.63 -0.42
CA ARG B 292 -3.68 13.43 -1.86
C ARG B 292 -4.69 12.36 -2.22
N ARG B 293 -4.69 11.25 -1.49
CA ARG B 293 -5.62 10.18 -1.80
C ARG B 293 -7.06 10.64 -1.61
N GLU B 294 -7.32 11.37 -0.53
CA GLU B 294 -8.67 11.88 -0.30
C GLU B 294 -9.11 12.79 -1.44
N ILE B 295 -8.21 13.65 -1.90
CA ILE B 295 -8.58 14.63 -2.92
C ILE B 295 -8.82 13.94 -4.25
N LYS B 296 -7.96 12.97 -4.61
CA LYS B 296 -8.17 12.26 -5.86
C LYS B 296 -9.43 11.42 -5.82
N ALA B 297 -9.79 10.90 -4.65
CA ALA B 297 -11.05 10.17 -4.53
C ALA B 297 -12.22 11.08 -4.81
N VAL B 298 -12.23 12.28 -4.21
CA VAL B 298 -13.30 13.24 -4.50
C VAL B 298 -13.30 13.62 -5.97
N ALA B 299 -12.11 13.76 -6.56
CA ALA B 299 -12.01 14.11 -7.96
C ALA B 299 -12.68 13.06 -8.84
N SER B 300 -12.35 11.80 -8.63
CA SER B 300 -13.02 10.73 -9.36
C SER B 300 -14.51 10.71 -9.06
N GLU B 301 -14.90 11.12 -7.85
CA GLU B 301 -16.32 11.23 -7.56
C GLU B 301 -16.98 12.38 -8.31
N TYR B 302 -16.20 13.30 -8.88
CA TYR B 302 -16.73 14.29 -9.83
C TYR B 302 -16.22 14.12 -11.24
N ASP B 303 -15.12 13.38 -11.45
CA ASP B 303 -14.50 13.22 -12.77
C ASP B 303 -13.98 14.56 -13.29
N VAL B 304 -13.14 15.22 -12.49
CA VAL B 304 -12.64 16.55 -12.82
C VAL B 304 -11.12 16.61 -12.63
N ASP B 305 -10.44 15.47 -12.85
CA ASP B 305 -9.01 15.36 -13.18
C ASP B 305 -8.07 16.38 -12.54
N TRP B 306 -8.01 16.39 -11.22
CA TRP B 306 -7.25 17.40 -10.49
C TRP B 306 -5.76 17.31 -10.79
N ASN B 307 -5.17 18.45 -11.11
CA ASN B 307 -3.72 18.59 -11.20
C ASN B 307 -3.16 19.13 -9.89
N GLU B 308 -1.94 18.71 -9.56
CA GLU B 308 -1.31 19.18 -8.33
C GLU B 308 -0.69 20.56 -8.52
N THR B 309 -0.21 20.86 -9.72
CA THR B 309 0.35 22.17 -10.01
C THR B 309 -0.76 23.21 -10.13
N THR C 8 -39.38 4.05 -23.88
CA THR C 8 -39.63 3.60 -22.52
C THR C 8 -39.77 4.79 -21.58
N THR C 9 -40.79 4.76 -20.72
CA THR C 9 -41.07 5.91 -19.87
C THR C 9 -40.11 6.00 -18.69
N PRO C 10 -39.85 4.94 -17.92
CA PRO C 10 -38.84 5.02 -16.86
C PRO C 10 -37.44 4.72 -17.38
N SER C 11 -36.48 4.75 -16.46
CA SER C 11 -35.11 4.44 -16.85
C SER C 11 -34.24 4.27 -15.63
N ARG C 12 -33.03 3.77 -15.89
CA ARG C 12 -31.94 3.78 -14.92
C ARG C 12 -30.74 4.44 -15.56
N LEU C 13 -30.31 5.55 -14.97
CA LEU C 13 -29.05 6.17 -15.34
C LEU C 13 -27.98 5.69 -14.39
N LEU C 14 -26.81 5.44 -14.93
CA LEU C 14 -25.65 5.22 -14.09
C LEU C 14 -25.09 6.55 -13.61
N LYS C 15 -24.48 6.51 -12.44
CA LYS C 15 -23.73 7.62 -11.89
C LYS C 15 -22.36 7.08 -11.50
N LEU C 16 -21.47 7.99 -11.17
CA LEU C 16 -20.04 7.72 -11.15
C LEU C 16 -19.63 6.65 -10.16
N VAL C 17 -20.47 6.35 -9.17
CA VAL C 17 -20.20 5.28 -8.22
C VAL C 17 -21.37 4.31 -8.16
N LEU C 18 -22.58 4.86 -8.11
CA LEU C 18 -23.73 4.18 -7.56
C LEU C 18 -24.99 4.49 -8.35
N PRO C 19 -25.81 3.49 -8.70
CA PRO C 19 -26.87 3.71 -9.69
C PRO C 19 -27.90 4.76 -9.29
N LEU C 20 -28.55 5.29 -10.32
CA LEU C 20 -29.62 6.27 -10.21
C LEU C 20 -30.84 5.72 -10.94
N SER C 21 -31.98 5.62 -10.25
CA SER C 21 -33.19 5.03 -10.81
C SER C 21 -34.24 6.12 -10.95
N THR C 22 -34.75 6.31 -12.16
CA THR C 22 -35.81 7.26 -12.46
C THR C 22 -37.06 6.47 -12.78
N VAL C 23 -38.06 6.58 -11.89
CA VAL C 23 -39.30 5.82 -11.99
C VAL C 23 -40.44 6.80 -12.24
N ASP C 24 -41.35 6.41 -13.12
CA ASP C 24 -42.54 7.19 -13.43
C ASP C 24 -43.76 6.41 -12.98
N HIS C 25 -44.52 6.98 -12.05
CA HIS C 25 -45.71 6.34 -11.52
C HIS C 25 -46.94 6.63 -12.37
N ALA C 33 -43.99 14.47 -13.57
CA ALA C 33 -43.34 14.60 -12.27
C ALA C 33 -42.85 13.24 -11.77
N PRO C 34 -41.80 12.72 -12.39
CA PRO C 34 -41.27 11.42 -11.98
C PRO C 34 -40.51 11.49 -10.66
N LEU C 35 -39.89 10.38 -10.26
CA LEU C 35 -39.16 10.29 -9.01
C LEU C 35 -37.80 9.68 -9.27
N ALA C 36 -36.85 10.02 -8.39
CA ALA C 36 -35.45 9.63 -8.55
C ALA C 36 -34.92 9.07 -7.24
N LEU C 37 -34.10 8.02 -7.33
CA LEU C 37 -33.49 7.41 -6.17
C LEU C 37 -32.03 7.09 -6.43
N LEU C 38 -31.22 7.25 -5.38
CA LEU C 38 -29.86 6.75 -5.31
C LEU C 38 -29.81 5.49 -4.46
N VAL C 39 -28.98 4.55 -4.86
CA VAL C 39 -28.75 3.33 -4.09
C VAL C 39 -27.30 2.89 -4.29
N HIS C 40 -26.78 2.22 -3.30
CA HIS C 40 -25.48 1.59 -3.34
C HIS C 40 -25.65 0.12 -3.74
N PRO C 41 -24.71 -0.45 -4.52
CA PRO C 41 -24.97 -1.78 -5.07
C PRO C 41 -25.14 -2.86 -4.02
N GLN C 42 -24.32 -2.85 -2.99
CA GLN C 42 -24.30 -3.96 -2.04
C GLN C 42 -25.51 -3.99 -1.14
N GLN C 43 -26.33 -2.95 -1.13
CA GLN C 43 -27.57 -2.98 -0.40
C GLN C 43 -28.53 -3.98 -1.03
N PRO C 44 -29.61 -4.33 -0.33
CA PRO C 44 -30.61 -5.22 -0.92
C PRO C 44 -31.76 -4.46 -1.53
N LEU C 45 -32.68 -5.19 -2.15
CA LEU C 45 -33.87 -4.58 -2.73
C LEU C 45 -34.86 -4.10 -1.68
N SER C 46 -34.72 -4.53 -0.43
CA SER C 46 -35.70 -4.17 0.58
C SER C 46 -35.64 -2.69 0.91
N TYR C 47 -34.44 -2.12 0.90
CA TYR C 47 -34.30 -0.67 1.07
C TYR C 47 -35.10 0.06 -0.01
N LEU C 48 -35.02 -0.44 -1.24
CA LEU C 48 -35.72 0.18 -2.34
C LEU C 48 -37.22 0.04 -2.17
N GLU C 49 -37.67 -1.13 -1.71
CA GLU C 49 -39.09 -1.30 -1.40
C GLU C 49 -39.54 -0.32 -0.34
N ARG C 50 -38.71 -0.11 0.68
CA ARG C 50 -39.10 0.77 1.77
C ARG C 50 -39.26 2.20 1.27
N LEU C 51 -38.38 2.63 0.38
CA LEU C 51 -38.51 3.97 -0.17
C LEU C 51 -39.77 4.10 -1.02
N ILE C 52 -40.00 3.13 -1.91
CA ILE C 52 -41.17 3.18 -2.77
C ILE C 52 -42.45 3.16 -1.93
N GLN C 53 -42.43 2.43 -0.81
CA GLN C 53 -43.60 2.37 0.06
C GLN C 53 -43.82 3.69 0.78
N ALA C 54 -42.76 4.29 1.29
CA ALA C 54 -42.90 5.58 1.96
C ALA C 54 -43.30 6.68 0.99
N GLU C 55 -43.07 6.47 -0.31
CA GLU C 55 -43.57 7.41 -1.30
C GLU C 55 -45.09 7.39 -1.35
N LEU C 56 -45.66 6.23 -1.67
CA LEU C 56 -47.08 6.10 -1.90
C LEU C 56 -47.85 6.23 -0.58
N PRO C 57 -49.18 6.42 -0.66
CA PRO C 57 -49.99 6.44 0.57
C PRO C 57 -50.33 5.04 1.08
N GLU C 110 -49.22 -1.22 0.09
CA GLU C 110 -48.02 -1.59 0.83
C GLU C 110 -47.16 -2.56 0.04
N GLY C 111 -47.80 -3.53 -0.58
CA GLY C 111 -47.08 -4.60 -1.26
C GLY C 111 -46.27 -4.08 -2.44
N GLU C 112 -45.27 -4.88 -2.79
CA GLU C 112 -44.41 -4.57 -3.92
C GLU C 112 -43.59 -5.81 -4.26
N GLY C 113 -43.24 -5.94 -5.54
CA GLY C 113 -42.50 -7.09 -6.01
C GLY C 113 -41.67 -6.76 -7.23
N LYS C 114 -40.59 -7.53 -7.38
CA LYS C 114 -39.59 -7.33 -8.41
C LYS C 114 -39.53 -8.57 -9.28
N ASP C 115 -39.47 -8.39 -10.60
CA ASP C 115 -39.42 -9.49 -11.55
C ASP C 115 -38.26 -9.31 -12.52
N GLU C 116 -37.58 -10.41 -12.79
CA GLU C 116 -36.51 -10.46 -13.77
C GLU C 116 -36.53 -11.84 -14.44
N GLY C 117 -35.61 -12.02 -15.39
CA GLY C 117 -35.70 -13.17 -16.26
C GLY C 117 -37.02 -13.06 -17.02
N GLU C 118 -37.52 -14.21 -17.45
CA GLU C 118 -38.96 -14.30 -17.61
C GLU C 118 -39.57 -14.01 -16.25
N PHE C 119 -40.68 -13.30 -16.24
CA PHE C 119 -40.99 -12.51 -15.06
C PHE C 119 -41.38 -13.41 -13.90
N VAL C 120 -40.36 -13.94 -13.22
CA VAL C 120 -40.48 -14.64 -11.96
C VAL C 120 -40.00 -13.70 -10.87
N ARG C 121 -40.58 -13.83 -9.68
CA ARG C 121 -40.25 -12.93 -8.59
C ARG C 121 -38.99 -13.42 -7.89
N TRP C 122 -38.03 -12.53 -7.76
CA TRP C 122 -36.78 -12.78 -7.06
C TRP C 122 -36.95 -12.45 -5.59
N SER C 123 -35.97 -12.84 -4.81
CA SER C 123 -36.09 -12.66 -3.38
C SER C 123 -35.70 -11.22 -2.99
N PRO C 124 -36.48 -10.57 -2.12
CA PRO C 124 -36.16 -9.18 -1.78
C PRO C 124 -34.88 -9.03 -1.01
N SER C 125 -34.40 -10.10 -0.37
CA SER C 125 -33.16 -10.08 0.38
C SER C 125 -31.95 -10.33 -0.49
N THR C 126 -32.06 -10.12 -1.80
CA THR C 126 -30.96 -10.37 -2.72
C THR C 126 -30.20 -9.07 -2.97
N GLU C 127 -28.95 -9.23 -3.39
CA GLU C 127 -28.07 -8.10 -3.65
C GLU C 127 -28.31 -7.57 -5.07
N ILE C 128 -28.17 -6.25 -5.22
CA ILE C 128 -28.46 -5.60 -6.50
C ILE C 128 -27.39 -5.92 -7.53
N GLY C 129 -26.13 -5.64 -7.19
CA GLY C 129 -25.02 -5.89 -8.10
C GLY C 129 -24.96 -7.31 -8.64
N ASP C 130 -25.56 -8.27 -7.95
CA ASP C 130 -25.72 -9.62 -8.45
C ASP C 130 -26.98 -9.80 -9.28
N PHE C 131 -27.74 -8.73 -9.52
CA PHE C 131 -29.08 -8.80 -10.07
C PHE C 131 -29.23 -7.99 -11.35
N ILE C 132 -28.57 -6.84 -11.42
CA ILE C 132 -28.57 -6.08 -12.65
C ILE C 132 -27.91 -6.86 -13.77
N ARG C 133 -26.99 -7.76 -13.44
CA ARG C 133 -26.36 -8.58 -14.48
C ARG C 133 -27.39 -9.45 -15.18
N ASP C 134 -28.31 -10.03 -14.42
CA ASP C 134 -29.37 -10.82 -15.03
C ASP C 134 -30.34 -9.93 -15.77
N ALA C 135 -30.64 -8.76 -15.20
CA ALA C 135 -31.44 -7.77 -15.89
C ALA C 135 -30.85 -7.42 -17.24
N ALA C 136 -29.53 -7.47 -17.36
CA ALA C 136 -28.87 -7.13 -18.60
C ALA C 136 -28.87 -8.30 -19.57
N ARG C 137 -28.69 -9.53 -19.07
CA ARG C 137 -28.73 -10.65 -20.00
C ARG C 137 -30.12 -10.81 -20.59
N ALA C 138 -31.14 -10.29 -19.91
CA ALA C 138 -32.46 -10.14 -20.54
C ALA C 138 -32.72 -8.73 -21.06
N LYS C 139 -31.95 -7.74 -20.62
CA LYS C 139 -32.05 -6.37 -21.08
C LYS C 139 -33.33 -5.67 -20.65
N GLU C 140 -33.81 -5.95 -19.44
CA GLU C 140 -35.01 -5.30 -18.93
C GLU C 140 -35.09 -5.55 -17.42
N PHE C 141 -36.08 -4.91 -16.79
CA PHE C 141 -36.29 -4.98 -15.35
C PHE C 141 -37.79 -4.77 -15.14
N GLU C 142 -38.39 -5.49 -14.19
CA GLU C 142 -39.84 -5.47 -14.04
C GLU C 142 -40.23 -5.14 -12.61
N VAL C 143 -41.20 -4.24 -12.46
CA VAL C 143 -41.73 -3.85 -11.17
C VAL C 143 -43.23 -4.09 -11.14
N GLU C 144 -43.72 -4.54 -9.98
CA GLU C 144 -45.13 -4.85 -9.79
C GLU C 144 -45.57 -4.32 -8.44
N ILE C 145 -46.74 -3.69 -8.42
CA ILE C 145 -47.27 -3.05 -7.22
C ILE C 145 -48.66 -3.62 -6.93
N GLU C 146 -48.88 -3.98 -5.67
CA GLU C 146 -50.16 -4.52 -5.26
C GLU C 146 -51.21 -3.42 -5.16
N GLY C 147 -52.46 -3.78 -5.46
CA GLY C 147 -53.55 -2.85 -5.36
C GLY C 147 -53.47 -1.65 -6.29
N SER C 148 -52.80 -1.78 -7.42
CA SER C 148 -52.62 -0.71 -8.38
C SER C 148 -52.57 -1.27 -9.79
N PRO C 149 -52.75 -0.44 -10.82
CA PRO C 149 -52.52 -0.88 -12.19
C PRO C 149 -51.03 -0.90 -12.52
N GLY C 150 -50.73 -1.22 -13.77
CA GLY C 150 -49.40 -1.05 -14.32
C GLY C 150 -48.44 -2.15 -13.92
N VAL C 151 -47.62 -2.58 -14.87
CA VAL C 151 -46.54 -3.53 -14.63
C VAL C 151 -45.34 -2.97 -15.39
N ILE C 152 -44.40 -2.40 -14.66
CA ILE C 152 -43.47 -1.43 -15.24
C ILE C 152 -42.24 -2.15 -15.77
N LYS C 153 -41.98 -1.95 -17.06
CA LYS C 153 -40.68 -2.22 -17.64
C LYS C 153 -39.72 -1.10 -17.28
N VAL C 154 -38.44 -1.44 -17.13
CA VAL C 154 -37.39 -0.44 -16.96
C VAL C 154 -36.15 -0.92 -17.69
N ALA C 155 -35.41 0.03 -18.22
CA ALA C 155 -34.17 -0.23 -18.93
C ALA C 155 -33.09 -0.68 -17.95
N VAL C 156 -31.92 -0.99 -18.50
CA VAL C 156 -30.78 -1.45 -17.71
C VAL C 156 -29.51 -0.91 -18.33
N PRO C 157 -28.47 -0.67 -17.52
CA PRO C 157 -27.15 -0.39 -18.09
C PRO C 157 -26.46 -1.63 -18.62
N SER C 158 -25.81 -1.45 -19.75
CA SER C 158 -25.03 -2.51 -20.38
C SER C 158 -23.66 -2.61 -19.70
N PHE C 159 -22.78 -3.41 -20.28
CA PHE C 159 -21.40 -3.45 -19.83
C PHE C 159 -20.71 -2.13 -20.06
N ASN C 160 -20.76 -1.63 -21.30
CA ASN C 160 -20.16 -0.34 -21.64
C ASN C 160 -20.67 0.75 -20.74
N ASP C 161 -21.95 0.68 -20.36
CA ASP C 161 -22.52 1.67 -19.46
C ASP C 161 -21.84 1.65 -18.11
N ARG C 162 -21.58 0.46 -17.56
CA ARG C 162 -20.90 0.38 -16.28
C ARG C 162 -19.46 0.84 -16.40
N THR C 163 -18.82 0.56 -17.53
CA THR C 163 -17.42 0.95 -17.69
C THR C 163 -17.26 2.42 -18.03
N TYR C 164 -18.31 3.09 -18.47
CA TYR C 164 -18.17 4.50 -18.82
C TYR C 164 -17.91 5.29 -17.55
N TYR C 165 -17.21 6.41 -17.72
CA TYR C 165 -16.64 7.26 -16.66
C TYR C 165 -15.44 6.60 -15.98
N LEU C 166 -15.04 5.41 -16.39
CA LEU C 166 -13.93 4.68 -15.79
C LEU C 166 -12.93 4.37 -16.91
N ARG C 167 -13.48 3.80 -17.97
CA ARG C 167 -12.74 3.51 -19.19
C ARG C 167 -12.12 4.78 -19.75
N GLN C 168 -12.89 5.86 -19.78
CA GLN C 168 -12.39 7.14 -20.26
C GLN C 168 -11.22 7.64 -19.42
N ARG C 169 -11.28 7.40 -18.11
CA ARG C 169 -10.20 7.87 -17.24
C ARG C 169 -8.92 7.08 -17.49
N LEU C 170 -9.06 5.77 -17.72
CA LEU C 170 -7.92 4.97 -18.16
C LEU C 170 -7.33 5.54 -19.44
N ARG C 171 -8.20 5.91 -20.38
CA ARG C 171 -7.74 6.42 -21.66
C ARG C 171 -6.92 7.70 -21.48
N ARG C 172 -7.41 8.61 -20.65
CA ARG C 172 -6.68 9.85 -20.38
C ARG C 172 -5.32 9.55 -19.77
N THR C 173 -5.27 8.63 -18.81
CA THR C 173 -4.00 8.30 -18.20
C THR C 173 -3.02 7.73 -19.23
N SER C 174 -3.51 6.88 -20.13
CA SER C 174 -2.65 6.34 -21.18
C SER C 174 -2.09 7.45 -22.07
N ARG C 175 -2.94 8.41 -22.43
CA ARG C 175 -2.49 9.57 -23.19
C ARG C 175 -1.34 10.26 -22.48
N LYS C 176 -1.50 10.51 -21.17
CA LYS C 176 -0.44 11.20 -20.43
C LYS C 176 0.82 10.35 -20.32
N ILE C 177 0.70 9.04 -20.38
CA ILE C 177 1.88 8.18 -20.26
C ILE C 177 2.70 8.20 -21.54
N SER C 178 2.03 8.27 -22.69
CA SER C 178 2.72 8.07 -23.97
C SER C 178 3.86 9.08 -24.16
N LYS C 179 3.57 10.36 -23.94
CA LYS C 179 4.58 11.40 -24.14
C LYS C 179 5.79 11.17 -23.27
N LEU C 180 5.57 10.93 -21.98
CA LEU C 180 6.65 10.70 -21.05
C LEU C 180 7.49 9.51 -21.47
N ALA C 181 6.85 8.48 -22.03
CA ALA C 181 7.60 7.34 -22.55
C ALA C 181 8.52 7.78 -23.69
N ALA C 182 8.02 8.63 -24.58
CA ALA C 182 8.88 9.13 -25.67
C ALA C 182 10.06 9.92 -25.12
N ILE C 183 9.82 10.70 -24.06
CA ILE C 183 10.90 11.49 -23.47
C ILE C 183 11.98 10.55 -22.93
N LYS C 184 11.56 9.48 -22.24
CA LYS C 184 12.51 8.51 -21.72
C LYS C 184 13.28 7.86 -22.86
N GLU C 185 12.60 7.55 -23.96
CA GLU C 185 13.26 6.99 -25.14
C GLU C 185 14.41 7.89 -25.60
N GLU C 186 14.10 9.18 -25.80
CA GLU C 186 15.11 10.12 -26.27
C GLU C 186 16.32 10.16 -25.33
N CYS C 187 16.05 10.32 -24.04
CA CYS C 187 17.16 10.48 -23.09
C CYS C 187 18.03 9.22 -23.02
N ASP C 188 17.39 8.05 -23.00
CA ASP C 188 18.15 6.81 -22.94
C ASP C 188 19.02 6.64 -24.18
N LYS C 189 18.49 6.99 -25.36
CA LYS C 189 19.29 6.84 -26.57
C LYS C 189 20.48 7.78 -26.55
N ALA C 190 20.30 9.01 -26.07
CA ALA C 190 21.43 9.93 -25.97
C ALA C 190 22.53 9.35 -25.08
N ALA C 191 22.17 8.92 -23.87
CA ALA C 191 23.18 8.40 -22.95
C ALA C 191 23.85 7.14 -23.51
N HIS C 192 23.08 6.32 -24.21
CA HIS C 192 23.62 5.08 -24.77
C HIS C 192 24.65 5.37 -25.84
N ARG C 193 24.36 6.35 -26.72
CA ARG C 193 25.34 6.71 -27.75
C ARG C 193 26.62 7.23 -27.12
N GLY C 194 26.49 8.06 -26.08
CA GLY C 194 27.68 8.56 -25.39
C GLY C 194 28.54 7.43 -24.86
N ALA C 195 27.91 6.49 -24.14
CA ALA C 195 28.65 5.37 -23.56
C ALA C 195 29.31 4.54 -24.65
N GLN C 196 28.57 4.21 -25.71
CA GLN C 196 29.09 3.36 -26.76
C GLN C 196 30.31 3.98 -27.42
N ARG C 197 30.24 5.28 -27.72
CA ARG C 197 31.34 5.93 -28.43
C ARG C 197 32.59 6.01 -27.56
N ILE C 198 32.44 6.47 -26.31
CA ILE C 198 33.62 6.58 -25.46
C ILE C 198 34.21 5.20 -25.19
N ALA C 199 33.36 4.18 -25.10
CA ALA C 199 33.83 2.82 -24.90
C ALA C 199 34.68 2.35 -26.07
N LEU C 200 34.19 2.54 -27.29
CA LEU C 200 34.97 2.12 -28.45
C LEU C 200 36.28 2.88 -28.53
N ALA C 201 36.28 4.14 -28.12
CA ALA C 201 37.54 4.90 -28.09
C ALA C 201 38.54 4.25 -27.15
N GLY C 202 38.10 3.91 -25.94
CA GLY C 202 39.00 3.24 -25.01
C GLY C 202 39.50 1.90 -25.53
N CYS C 203 38.64 1.17 -26.24
CA CYS C 203 39.05 -0.11 -26.79
C CYS C 203 40.15 0.08 -27.83
N GLY C 204 39.99 1.10 -28.67
CA GLY C 204 41.04 1.41 -29.63
C GLY C 204 42.35 1.75 -28.94
N GLY C 205 42.26 2.49 -27.83
CA GLY C 205 43.45 2.83 -27.08
C GLY C 205 44.17 1.58 -26.59
N LEU C 206 43.43 0.65 -26.01
CA LEU C 206 44.05 -0.57 -25.49
C LEU C 206 44.69 -1.38 -26.60
N ILE C 207 44.00 -1.49 -27.74
CA ILE C 207 44.57 -2.27 -28.85
C ILE C 207 45.83 -1.59 -29.38
N GLY C 208 45.86 -0.25 -29.36
CA GLY C 208 47.07 0.45 -29.75
C GLY C 208 48.22 0.13 -28.81
N TYR C 209 47.94 0.11 -27.51
CA TYR C 209 48.96 -0.25 -26.53
C TYR C 209 49.47 -1.67 -26.80
N TRP C 210 48.56 -2.57 -27.16
CA TRP C 210 48.94 -3.95 -27.45
C TRP C 210 49.95 -4.01 -28.59
N TYR C 211 49.59 -3.36 -29.71
CA TYR C 211 50.49 -3.38 -30.87
C TYR C 211 51.83 -2.73 -30.53
N ILE C 212 51.80 -1.66 -29.75
CA ILE C 212 53.03 -0.95 -29.41
C ILE C 212 53.94 -1.86 -28.62
N VAL C 213 53.39 -2.56 -27.63
CA VAL C 213 54.21 -3.41 -26.79
C VAL C 213 54.77 -4.57 -27.61
N TYR C 214 53.97 -5.11 -28.53
CA TYR C 214 54.45 -6.24 -29.32
C TYR C 214 55.60 -5.81 -30.23
N ARG C 215 55.45 -4.67 -30.90
CA ARG C 215 56.52 -4.19 -31.77
C ARG C 215 57.78 -3.86 -30.96
N LEU C 216 57.62 -3.13 -29.86
CA LEU C 216 58.78 -2.74 -29.07
C LEU C 216 59.49 -3.94 -28.49
N THR C 217 58.74 -5.00 -28.17
CA THR C 217 59.37 -6.22 -27.69
C THR C 217 60.17 -6.88 -28.79
N PHE C 218 59.49 -7.26 -29.88
CA PHE C 218 60.07 -8.16 -30.87
C PHE C 218 60.49 -7.44 -32.15
N GLU C 219 60.90 -6.18 -32.02
CA GLU C 219 61.45 -5.44 -33.15
C GLU C 219 62.61 -4.52 -32.76
N THR C 220 63.18 -4.67 -31.56
CA THR C 220 64.24 -3.80 -31.09
C THR C 220 65.27 -4.61 -30.33
N ASP C 221 66.29 -3.88 -29.88
CA ASP C 221 67.33 -4.38 -29.02
C ASP C 221 67.06 -3.85 -27.60
N LEU C 222 66.03 -3.01 -27.44
CA LEU C 222 65.69 -2.46 -26.13
C LEU C 222 65.31 -3.57 -25.16
N GLY C 223 64.20 -4.25 -25.42
CA GLY C 223 63.83 -5.44 -24.68
C GLY C 223 62.96 -5.18 -23.47
N TRP C 224 62.42 -6.29 -22.95
CA TRP C 224 61.58 -6.25 -21.76
C TRP C 224 62.32 -5.63 -20.59
N ASP C 225 63.64 -5.80 -20.54
CA ASP C 225 64.48 -5.20 -19.52
C ASP C 225 64.45 -3.68 -19.57
N VAL C 226 63.86 -3.09 -20.61
CA VAL C 226 63.57 -1.67 -20.65
C VAL C 226 62.08 -1.39 -20.65
N MET C 227 61.26 -2.36 -21.08
CA MET C 227 59.84 -2.09 -21.25
C MET C 227 59.01 -2.29 -19.99
N GLU C 228 59.39 -3.24 -19.14
CA GLU C 228 58.62 -3.55 -17.94
C GLU C 228 58.30 -2.33 -17.08
N PRO C 229 59.25 -1.44 -16.76
CA PRO C 229 58.91 -0.29 -15.93
C PRO C 229 57.93 0.64 -16.60
N VAL C 230 58.02 0.75 -17.93
CA VAL C 230 57.05 1.55 -18.68
C VAL C 230 55.65 1.02 -18.42
N THR C 231 55.52 -0.30 -18.34
CA THR C 231 54.22 -0.91 -18.11
C THR C 231 53.73 -0.61 -16.71
N TYR C 232 54.61 -0.77 -15.72
CA TYR C 232 54.21 -0.47 -14.34
C TYR C 232 53.75 0.97 -14.22
N LEU C 233 54.49 1.88 -14.82
CA LEU C 233 54.20 3.31 -14.72
C LEU C 233 52.91 3.65 -15.44
N VAL C 234 52.65 3.00 -16.59
CA VAL C 234 51.44 3.26 -17.33
C VAL C 234 50.22 2.76 -16.57
N GLY C 235 50.33 1.59 -15.94
CA GLY C 235 49.24 1.10 -15.14
C GLY C 235 48.94 2.03 -13.98
N LEU C 236 49.98 2.57 -13.37
CA LEU C 236 49.76 3.48 -12.26
C LEU C 236 49.14 4.79 -12.74
N SER C 237 49.54 5.24 -13.91
CA SER C 237 48.92 6.43 -14.49
C SER C 237 47.44 6.20 -14.76
N THR C 238 47.10 5.00 -15.23
CA THR C 238 45.70 4.67 -15.46
C THR C 238 44.92 4.70 -14.16
N LEU C 239 45.50 4.15 -13.09
CA LEU C 239 44.85 4.21 -11.79
C LEU C 239 44.60 5.66 -11.38
N ILE C 240 45.59 6.52 -11.58
CA ILE C 240 45.47 7.91 -11.19
C ILE C 240 44.34 8.58 -11.96
N GLY C 241 44.32 8.36 -13.28
CA GLY C 241 43.27 8.95 -14.10
C GLY C 241 41.88 8.47 -13.71
N GLY C 242 41.75 7.18 -13.41
CA GLY C 242 40.46 6.65 -13.01
C GLY C 242 40.01 7.23 -11.69
N TYR C 243 40.96 7.40 -10.78
CA TYR C 243 40.69 7.96 -9.48
C TYR C 243 40.21 9.40 -9.61
N MET C 244 40.84 10.15 -10.51
CA MET C 244 40.47 11.54 -10.72
C MET C 244 39.10 11.67 -11.38
N TRP C 245 38.81 10.77 -12.32
CA TRP C 245 37.50 10.77 -12.98
C TRP C 245 36.40 10.47 -11.95
N PHE C 246 36.65 9.51 -11.08
CA PHE C 246 35.70 9.16 -10.02
C PHE C 246 35.44 10.36 -9.12
N LEU C 247 36.52 11.04 -8.72
CA LEU C 247 36.39 12.22 -7.87
C LEU C 247 35.56 13.29 -8.56
N TRP C 248 35.85 13.56 -9.84
CA TRP C 248 35.13 14.62 -10.54
C TRP C 248 33.67 14.28 -10.75
N HIS C 249 33.37 12.99 -10.94
CA HIS C 249 31.99 12.54 -11.08
C HIS C 249 31.26 12.79 -9.76
N ASN C 250 31.89 12.47 -8.63
CA ASN C 250 31.30 12.78 -7.34
C ASN C 250 31.25 14.29 -7.08
N ARG C 251 32.12 15.05 -7.73
CA ARG C 251 32.12 16.51 -7.54
C ARG C 251 30.82 17.13 -8.02
N LEU C 270 19.10 14.36 -14.11
CA LEU C 270 19.58 13.98 -15.43
C LEU C 270 18.56 14.40 -16.48
N TYR C 271 17.29 14.07 -16.22
CA TYR C 271 16.18 14.44 -17.09
C TYR C 271 15.84 15.90 -16.79
N GLN C 272 16.54 16.81 -17.44
CA GLN C 272 16.42 18.24 -17.13
C GLN C 272 15.43 18.95 -18.05
N ALA C 273 15.73 18.98 -19.35
CA ALA C 273 14.99 19.84 -20.28
C ALA C 273 13.57 19.34 -20.48
N LYS C 274 13.42 18.13 -21.01
CA LYS C 274 12.15 17.42 -21.00
C LYS C 274 12.01 16.72 -19.65
N GLY C 275 12.01 17.53 -18.60
CA GLY C 275 12.17 17.03 -17.25
C GLY C 275 10.87 16.43 -16.73
N PHE C 276 10.99 15.27 -16.09
CA PHE C 276 9.87 14.65 -15.42
C PHE C 276 10.39 13.84 -14.24
N SER C 277 9.44 13.30 -13.47
CA SER C 277 9.75 12.42 -12.36
C SER C 277 9.50 10.98 -12.75
N LEU C 278 10.47 10.12 -12.46
CA LEU C 278 10.26 8.69 -12.61
C LEU C 278 9.11 8.21 -11.73
N GLN C 279 8.92 8.87 -10.58
CA GLN C 279 7.84 8.46 -9.67
C GLN C 279 6.48 8.89 -10.18
N ASP C 280 6.41 9.98 -10.93
CA ASP C 280 5.14 10.38 -11.54
C ASP C 280 4.70 9.34 -12.57
N TRP C 281 5.61 8.97 -13.47
CA TRP C 281 5.38 7.89 -14.41
C TRP C 281 4.97 6.61 -13.68
N GLU C 282 5.69 6.30 -12.60
CA GLU C 282 5.40 5.09 -11.84
C GLU C 282 4.00 5.12 -11.25
N GLY C 283 3.59 6.26 -10.70
CA GLY C 283 2.29 6.36 -10.09
C GLY C 283 1.17 6.27 -11.09
N TYR C 284 1.35 6.89 -12.26
CA TYR C 284 0.36 6.73 -13.33
C TYR C 284 0.22 5.27 -13.73
N LEU C 285 1.34 4.57 -13.90
CA LEU C 285 1.27 3.15 -14.24
C LEU C 285 0.56 2.36 -13.14
N GLU C 286 0.85 2.70 -11.89
CA GLU C 286 0.22 2.02 -10.76
C GLU C 286 -1.29 2.20 -10.79
N GLU C 287 -1.75 3.41 -11.10
CA GLU C 287 -3.18 3.64 -11.22
C GLU C 287 -3.77 2.79 -12.34
N ALA C 288 -3.11 2.79 -13.50
CA ALA C 288 -3.64 2.11 -14.66
C ALA C 288 -3.80 0.61 -14.41
N ASN C 289 -2.85 0.02 -13.69
CA ASN C 289 -2.93 -1.41 -13.39
C ASN C 289 -4.23 -1.75 -12.66
N ALA C 290 -4.49 -1.05 -11.55
CA ALA C 290 -5.68 -1.33 -10.77
C ALA C 290 -6.95 -1.03 -11.54
N MET C 291 -6.92 0.00 -12.38
CA MET C 291 -8.10 0.30 -13.21
C MET C 291 -8.40 -0.88 -14.13
N ARG C 292 -7.36 -1.42 -14.75
CA ARG C 292 -7.55 -2.58 -15.62
C ARG C 292 -8.06 -3.78 -14.82
N ARG C 293 -7.58 -3.95 -13.59
CA ARG C 293 -8.05 -5.05 -12.77
C ARG C 293 -9.54 -4.95 -12.51
N GLU C 294 -10.00 -3.74 -12.15
CA GLU C 294 -11.43 -3.54 -11.91
C GLU C 294 -12.24 -3.84 -13.15
N ILE C 295 -11.76 -3.36 -14.31
CA ILE C 295 -12.50 -3.53 -15.54
C ILE C 295 -12.60 -5.02 -15.90
N LYS C 296 -11.49 -5.75 -15.78
CA LYS C 296 -11.52 -7.17 -16.09
C LYS C 296 -12.38 -7.93 -15.10
N ALA C 297 -12.43 -7.48 -13.85
CA ALA C 297 -13.31 -8.10 -12.87
C ALA C 297 -14.76 -7.98 -13.31
N VAL C 298 -15.17 -6.77 -13.71
CA VAL C 298 -16.54 -6.57 -14.16
C VAL C 298 -16.80 -7.38 -15.42
N ALA C 299 -15.81 -7.48 -16.30
CA ALA C 299 -15.94 -8.24 -17.53
C ALA C 299 -16.22 -9.70 -17.23
N SER C 300 -15.43 -10.29 -16.35
CA SER C 300 -15.69 -11.65 -15.90
C SER C 300 -17.06 -11.76 -15.26
N GLU C 301 -17.51 -10.70 -14.57
CA GLU C 301 -18.80 -10.77 -13.92
C GLU C 301 -19.93 -10.86 -14.93
N TYR C 302 -19.76 -10.21 -16.09
CA TYR C 302 -20.70 -10.38 -17.20
C TYR C 302 -20.23 -11.38 -18.24
N ASP C 303 -18.94 -11.71 -18.25
CA ASP C 303 -18.37 -12.64 -19.23
C ASP C 303 -18.58 -12.14 -20.66
N VAL C 304 -18.01 -10.97 -20.96
CA VAL C 304 -18.16 -10.32 -22.26
C VAL C 304 -16.79 -9.89 -22.79
N ASP C 305 -15.75 -10.65 -22.45
CA ASP C 305 -14.44 -10.69 -23.12
C ASP C 305 -13.88 -9.33 -23.57
N TRP C 306 -13.57 -8.48 -22.61
CA TRP C 306 -13.27 -7.08 -22.90
C TRP C 306 -12.01 -6.92 -23.73
N ASN C 307 -12.05 -5.98 -24.66
CA ASN C 307 -10.91 -5.57 -25.46
C ASN C 307 -10.45 -4.20 -24.99
N GLU C 308 -9.13 -4.02 -24.88
CA GLU C 308 -8.60 -2.73 -24.47
C GLU C 308 -8.82 -1.66 -25.54
N THR C 309 -8.88 -2.07 -26.81
CA THR C 309 -9.09 -1.12 -27.90
C THR C 309 -10.57 -0.87 -28.11
N THR D 8 -31.42 -25.99 23.27
CA THR D 8 -31.69 -25.02 22.22
C THR D 8 -31.65 -25.66 20.85
N THR D 9 -32.79 -26.20 20.43
CA THR D 9 -32.90 -26.77 19.09
C THR D 9 -32.62 -25.75 18.00
N PRO D 10 -33.25 -24.57 17.96
CA PRO D 10 -33.05 -23.68 16.81
C PRO D 10 -31.67 -23.06 16.83
N SER D 11 -31.34 -22.38 15.74
CA SER D 11 -29.98 -21.90 15.59
C SER D 11 -29.91 -20.91 14.43
N ARG D 12 -28.70 -20.43 14.18
CA ARG D 12 -28.40 -19.53 13.07
C ARG D 12 -27.31 -20.18 12.24
N LEU D 13 -27.68 -20.62 11.05
CA LEU D 13 -26.77 -21.27 10.14
C LEU D 13 -26.22 -20.25 9.17
N LEU D 14 -25.01 -20.51 8.70
CA LEU D 14 -24.36 -19.69 7.70
C LEU D 14 -24.55 -20.28 6.31
N LYS D 15 -24.49 -19.41 5.32
CA LYS D 15 -24.32 -19.78 3.93
C LYS D 15 -23.27 -18.82 3.36
N LEU D 16 -22.84 -19.10 2.13
CA LEU D 16 -21.65 -18.48 1.54
C LEU D 16 -21.58 -16.96 1.70
N VAL D 17 -22.71 -16.26 1.68
CA VAL D 17 -22.73 -14.83 1.95
C VAL D 17 -23.74 -14.49 3.04
N LEU D 18 -24.99 -14.85 2.79
CA LEU D 18 -26.11 -14.38 3.56
C LEU D 18 -26.44 -15.36 4.69
N PRO D 19 -26.51 -14.93 5.94
CA PRO D 19 -26.92 -15.86 7.00
C PRO D 19 -28.33 -16.40 6.81
N LEU D 20 -28.66 -17.37 7.66
CA LEU D 20 -29.91 -18.09 7.65
C LEU D 20 -30.29 -18.36 9.10
N SER D 21 -31.59 -18.32 9.39
CA SER D 21 -32.09 -18.56 10.74
C SER D 21 -33.04 -19.73 10.71
N THR D 22 -32.74 -20.76 11.50
CA THR D 22 -33.62 -21.92 11.68
C THR D 22 -34.34 -21.74 13.01
N VAL D 23 -35.60 -21.34 12.94
CA VAL D 23 -36.41 -21.07 14.12
C VAL D 23 -37.35 -22.24 14.32
N ASP D 24 -37.41 -22.74 15.55
CA ASP D 24 -38.18 -23.93 15.92
C ASP D 24 -39.31 -23.51 16.84
N HIS D 25 -40.51 -23.98 16.53
CA HIS D 25 -41.70 -23.66 17.29
C HIS D 25 -42.25 -24.86 18.03
N ALA D 33 -43.10 -27.55 11.34
CA ALA D 33 -41.69 -27.83 11.59
C ALA D 33 -40.90 -26.53 11.68
N PRO D 34 -39.66 -26.58 12.20
CA PRO D 34 -38.84 -25.36 12.22
C PRO D 34 -38.57 -24.88 10.82
N LEU D 35 -38.57 -23.56 10.66
CA LEU D 35 -38.48 -22.93 9.34
C LEU D 35 -37.17 -22.17 9.18
N ALA D 36 -36.71 -22.13 7.94
CA ALA D 36 -35.44 -21.51 7.56
C ALA D 36 -35.72 -20.21 6.83
N LEU D 37 -35.15 -19.12 7.35
CA LEU D 37 -35.40 -17.79 6.82
C LEU D 37 -34.08 -17.14 6.43
N LEU D 38 -34.07 -16.53 5.24
CA LEU D 38 -32.89 -15.87 4.70
C LEU D 38 -32.95 -14.38 4.94
N VAL D 39 -31.79 -13.80 5.27
CA VAL D 39 -31.67 -12.37 5.53
C VAL D 39 -30.30 -11.91 5.04
N HIS D 40 -30.20 -10.60 4.79
CA HIS D 40 -28.97 -9.94 4.39
C HIS D 40 -28.39 -9.17 5.57
N PRO D 41 -27.07 -9.09 5.75
CA PRO D 41 -26.55 -8.54 7.01
C PRO D 41 -26.89 -7.09 7.25
N GLN D 42 -27.02 -6.28 6.21
CA GLN D 42 -27.39 -4.88 6.38
C GLN D 42 -28.90 -4.69 6.57
N GLN D 43 -29.65 -5.76 6.61
CA GLN D 43 -31.10 -5.69 6.55
C GLN D 43 -31.67 -5.53 7.95
N PRO D 44 -32.38 -4.47 8.27
CA PRO D 44 -32.72 -4.21 9.66
C PRO D 44 -33.72 -5.19 10.23
N LEU D 45 -33.73 -5.25 11.57
CA LEU D 45 -34.52 -6.23 12.30
C LEU D 45 -36.02 -6.08 12.07
N SER D 46 -36.49 -4.89 11.72
CA SER D 46 -37.92 -4.72 11.50
C SER D 46 -38.39 -5.57 10.33
N TYR D 47 -37.53 -5.77 9.34
CA TYR D 47 -37.85 -6.71 8.27
C TYR D 47 -38.06 -8.10 8.81
N LEU D 48 -37.22 -8.49 9.77
CA LEU D 48 -37.36 -9.79 10.40
C LEU D 48 -38.67 -9.89 11.15
N GLU D 49 -39.06 -8.80 11.82
CA GLU D 49 -40.35 -8.75 12.48
C GLU D 49 -41.48 -8.96 11.49
N ARG D 50 -41.40 -8.29 10.34
CA ARG D 50 -42.48 -8.38 9.37
C ARG D 50 -42.58 -9.80 8.81
N LEU D 51 -41.42 -10.43 8.57
CA LEU D 51 -41.41 -11.82 8.12
C LEU D 51 -42.10 -12.72 9.13
N ILE D 52 -41.62 -12.69 10.38
CA ILE D 52 -42.15 -13.59 11.39
C ILE D 52 -43.63 -13.31 11.64
N GLN D 53 -44.04 -12.04 11.59
CA GLN D 53 -45.44 -11.70 11.76
C GLN D 53 -46.29 -12.32 10.66
N ALA D 54 -45.87 -12.16 9.41
CA ALA D 54 -46.67 -12.72 8.31
C ALA D 54 -46.62 -14.23 8.31
N GLU D 55 -45.61 -14.82 8.96
CA GLU D 55 -45.46 -16.26 8.95
C GLU D 55 -46.52 -16.95 9.80
N LEU D 56 -47.04 -16.25 10.80
CA LEU D 56 -47.77 -16.87 11.90
C LEU D 56 -49.17 -16.29 12.03
N PRO D 57 -50.08 -16.99 12.73
CA PRO D 57 -51.40 -16.39 12.90
C PRO D 57 -51.42 -15.23 13.88
N GLU D 110 -49.12 -10.00 18.12
CA GLU D 110 -48.40 -9.57 16.93
C GLU D 110 -47.00 -9.07 17.26
N GLY D 111 -46.85 -8.44 18.42
CA GLY D 111 -45.61 -7.79 18.80
C GLY D 111 -44.42 -8.74 18.88
N GLU D 112 -43.25 -8.20 19.19
CA GLU D 112 -42.03 -8.98 19.17
C GLU D 112 -40.92 -8.20 19.86
N GLY D 113 -39.92 -8.93 20.34
CA GLY D 113 -38.80 -8.31 21.04
C GLY D 113 -37.59 -9.21 21.04
N LYS D 114 -36.43 -8.56 21.09
CA LYS D 114 -35.13 -9.20 21.02
C LYS D 114 -34.41 -8.99 22.35
N ASP D 115 -33.40 -9.82 22.63
CA ASP D 115 -32.63 -9.69 23.86
C ASP D 115 -31.24 -10.28 23.69
N GLU D 116 -30.27 -9.66 24.36
CA GLU D 116 -28.88 -10.07 24.31
C GLU D 116 -28.19 -9.61 25.59
N GLY D 117 -26.97 -10.11 25.80
CA GLY D 117 -26.27 -9.93 27.06
C GLY D 117 -27.14 -10.39 28.21
N GLU D 118 -27.00 -9.71 29.34
CA GLU D 118 -28.12 -9.68 30.26
C GLU D 118 -29.29 -9.03 29.54
N PHE D 119 -30.47 -9.60 29.68
CA PHE D 119 -31.50 -9.45 28.65
C PHE D 119 -31.97 -8.01 28.59
N VAL D 120 -31.48 -7.28 27.59
CA VAL D 120 -31.92 -5.92 27.28
C VAL D 120 -32.55 -5.91 25.90
N ARG D 121 -33.61 -5.14 25.74
CA ARG D 121 -34.25 -5.00 24.45
C ARG D 121 -33.47 -3.99 23.62
N TRP D 122 -33.10 -4.40 22.42
CA TRP D 122 -32.42 -3.56 21.45
C TRP D 122 -33.44 -2.77 20.64
N SER D 123 -32.95 -1.88 19.81
CA SER D 123 -33.81 -1.14 18.92
C SER D 123 -34.22 -2.02 17.75
N PRO D 124 -35.35 -1.74 17.11
CA PRO D 124 -35.75 -2.54 15.95
C PRO D 124 -35.12 -2.09 14.65
N SER D 125 -34.64 -0.85 14.59
CA SER D 125 -33.99 -0.33 13.39
C SER D 125 -32.49 -0.52 13.40
N THR D 126 -31.97 -1.35 14.30
CA THR D 126 -30.55 -1.65 14.33
C THR D 126 -30.19 -2.69 13.28
N GLU D 127 -28.99 -2.55 12.76
CA GLU D 127 -28.45 -3.45 11.76
C GLU D 127 -28.05 -4.78 12.38
N ILE D 128 -28.11 -5.83 11.56
CA ILE D 128 -27.82 -7.18 12.04
C ILE D 128 -26.32 -7.44 12.11
N GLY D 129 -25.62 -7.20 11.01
CA GLY D 129 -24.20 -7.52 10.89
C GLY D 129 -23.31 -6.92 11.97
N ASP D 130 -23.82 -5.96 12.73
CA ASP D 130 -23.18 -5.50 13.96
C ASP D 130 -23.77 -6.15 15.19
N PHE D 131 -25.06 -6.50 15.13
CA PHE D 131 -25.77 -7.06 16.27
C PHE D 131 -25.26 -8.45 16.63
N ILE D 132 -25.05 -9.29 15.62
CA ILE D 132 -24.50 -10.61 15.82
C ILE D 132 -23.16 -10.58 16.55
N ARG D 133 -22.43 -9.48 16.52
CA ARG D 133 -21.14 -9.43 17.20
C ARG D 133 -21.32 -9.38 18.72
N ASP D 134 -22.13 -8.45 19.19
CA ASP D 134 -22.53 -8.43 20.60
C ASP D 134 -23.17 -9.75 21.00
N ALA D 135 -23.89 -10.39 20.09
CA ALA D 135 -24.41 -11.71 20.41
C ALA D 135 -23.28 -12.71 20.58
N ALA D 136 -22.25 -12.63 19.74
CA ALA D 136 -21.14 -13.56 19.79
C ALA D 136 -20.30 -13.38 21.03
N ARG D 137 -20.42 -12.23 21.68
CA ARG D 137 -19.77 -12.08 22.98
C ARG D 137 -20.19 -13.19 23.94
N ALA D 138 -21.43 -13.67 23.84
CA ALA D 138 -21.98 -14.68 24.74
C ALA D 138 -22.27 -16.00 24.08
N LYS D 139 -22.44 -16.02 22.75
CA LYS D 139 -22.78 -17.22 22.00
C LYS D 139 -24.20 -17.67 22.34
N GLU D 140 -25.09 -16.73 22.58
CA GLU D 140 -26.51 -17.03 22.80
C GLU D 140 -27.32 -15.77 22.54
N PHE D 141 -28.56 -15.95 22.08
CA PHE D 141 -29.41 -14.82 21.70
C PHE D 141 -30.87 -15.12 21.92
N GLU D 142 -31.58 -14.20 22.58
CA GLU D 142 -32.92 -14.46 23.11
C GLU D 142 -33.98 -13.73 22.30
N VAL D 143 -35.15 -14.35 22.21
CA VAL D 143 -36.28 -13.84 21.44
C VAL D 143 -37.55 -13.98 22.27
N GLU D 144 -38.44 -12.99 22.14
CA GLU D 144 -39.68 -12.92 22.89
C GLU D 144 -40.78 -12.47 21.95
N ILE D 145 -42.00 -12.97 22.17
CA ILE D 145 -43.12 -12.74 21.28
C ILE D 145 -44.34 -12.34 22.11
N GLU D 146 -44.98 -11.25 21.72
CA GLU D 146 -46.32 -10.93 22.20
C GLU D 146 -47.34 -11.60 21.30
N GLY D 147 -48.01 -12.62 21.83
CA GLY D 147 -48.88 -13.48 21.06
C GLY D 147 -48.73 -14.95 21.39
N SER D 148 -47.65 -15.33 22.07
CA SER D 148 -47.47 -16.68 22.58
C SER D 148 -46.68 -16.58 23.87
N PRO D 149 -46.74 -17.61 24.73
CA PRO D 149 -45.95 -17.57 25.97
C PRO D 149 -44.49 -17.94 25.73
N GLY D 150 -43.76 -18.03 26.83
CA GLY D 150 -42.42 -18.56 26.82
C GLY D 150 -41.38 -17.58 26.32
N VAL D 151 -40.15 -18.09 26.23
CA VAL D 151 -39.01 -17.34 25.72
C VAL D 151 -38.16 -18.31 24.92
N ILE D 152 -37.51 -17.78 23.88
CA ILE D 152 -36.76 -18.59 22.92
C ILE D 152 -35.29 -18.22 23.00
N LYS D 153 -34.44 -19.24 22.85
CA LYS D 153 -33.00 -19.09 22.80
C LYS D 153 -32.50 -19.55 21.44
N VAL D 154 -31.41 -18.94 20.98
CA VAL D 154 -30.90 -19.17 19.64
C VAL D 154 -29.38 -19.14 19.68
N ALA D 155 -28.78 -19.93 18.80
CA ALA D 155 -27.34 -20.06 18.69
C ALA D 155 -26.75 -18.77 18.14
N VAL D 156 -25.42 -18.75 18.06
CA VAL D 156 -24.69 -17.67 17.39
C VAL D 156 -23.48 -18.27 16.69
N PRO D 157 -23.04 -17.65 15.59
CA PRO D 157 -21.79 -18.08 14.97
C PRO D 157 -20.56 -17.64 15.75
N SER D 158 -19.44 -18.25 15.38
CA SER D 158 -18.12 -17.89 15.87
C SER D 158 -17.30 -17.29 14.73
N PHE D 159 -16.04 -16.97 15.03
CA PHE D 159 -15.15 -16.47 14.01
C PHE D 159 -14.90 -17.52 12.94
N ASN D 160 -14.50 -18.73 13.37
CA ASN D 160 -14.23 -19.81 12.44
C ASN D 160 -15.45 -20.12 11.60
N ASP D 161 -16.64 -19.95 12.17
CA ASP D 161 -17.87 -20.16 11.40
C ASP D 161 -17.96 -19.18 10.25
N ARG D 162 -17.77 -17.89 10.52
CA ARG D 162 -17.93 -16.89 9.48
C ARG D 162 -16.86 -17.03 8.42
N THR D 163 -15.64 -17.35 8.83
CA THR D 163 -14.57 -17.49 7.85
C THR D 163 -14.66 -18.80 7.07
N TYR D 164 -15.40 -19.77 7.57
CA TYR D 164 -15.56 -21.03 6.87
C TYR D 164 -16.43 -20.80 5.64
N TYR D 165 -15.96 -21.32 4.50
CA TYR D 165 -16.39 -21.01 3.12
C TYR D 165 -15.76 -19.71 2.64
N LEU D 166 -14.89 -19.08 3.41
CA LEU D 166 -14.08 -17.95 2.97
C LEU D 166 -12.59 -18.20 3.15
N ARG D 167 -12.22 -19.22 3.91
CA ARG D 167 -10.84 -19.55 4.22
C ARG D 167 -10.33 -20.67 3.31
N GLN D 168 -11.25 -21.54 2.90
CA GLN D 168 -10.94 -22.62 1.96
C GLN D 168 -10.39 -22.06 0.65
N ARG D 169 -10.92 -20.91 0.21
CA ARG D 169 -10.46 -20.32 -1.04
C ARG D 169 -9.01 -19.90 -0.94
N LEU D 170 -8.65 -19.25 0.17
CA LEU D 170 -7.27 -18.91 0.44
C LEU D 170 -6.39 -20.14 0.39
N ARG D 171 -6.86 -21.24 0.99
CA ARG D 171 -6.08 -22.47 1.01
C ARG D 171 -5.82 -22.98 -0.41
N ARG D 172 -6.88 -23.04 -1.22
CA ARG D 172 -6.74 -23.52 -2.59
C ARG D 172 -5.79 -22.64 -3.40
N THR D 173 -5.90 -21.32 -3.22
CA THR D 173 -5.03 -20.41 -3.95
C THR D 173 -3.58 -20.63 -3.55
N SER D 174 -3.34 -20.86 -2.26
CA SER D 174 -1.99 -21.18 -1.81
C SER D 174 -1.47 -22.44 -2.48
N ARG D 175 -2.35 -23.43 -2.67
CA ARG D 175 -1.93 -24.66 -3.35
C ARG D 175 -1.49 -24.38 -4.78
N LYS D 176 -2.31 -23.62 -5.52
CA LYS D 176 -1.93 -23.24 -6.88
C LYS D 176 -0.58 -22.53 -6.90
N ILE D 177 -0.38 -21.60 -5.96
CA ILE D 177 0.86 -20.84 -5.92
C ILE D 177 2.04 -21.77 -5.68
N SER D 178 1.88 -22.76 -4.79
CA SER D 178 2.95 -23.70 -4.52
C SER D 178 3.34 -24.47 -5.78
N LYS D 179 2.32 -24.93 -6.52
CA LYS D 179 2.59 -25.66 -7.76
C LYS D 179 3.40 -24.82 -8.75
N LEU D 180 2.91 -23.61 -9.03
CA LEU D 180 3.57 -22.78 -10.02
C LEU D 180 4.97 -22.38 -9.57
N ALA D 181 5.15 -22.20 -8.26
CA ALA D 181 6.48 -21.91 -7.74
C ALA D 181 7.43 -23.08 -7.97
N ALA D 182 6.93 -24.31 -7.79
CA ALA D 182 7.76 -25.49 -8.06
C ALA D 182 8.22 -25.51 -9.51
N ILE D 183 7.30 -25.21 -10.43
CA ILE D 183 7.66 -25.21 -11.86
C ILE D 183 8.74 -24.17 -12.14
N LYS D 184 8.52 -22.95 -11.63
CA LYS D 184 9.49 -21.87 -11.73
C LYS D 184 10.87 -22.32 -11.24
N GLU D 185 10.89 -22.95 -10.07
CA GLU D 185 12.14 -23.39 -9.47
C GLU D 185 12.84 -24.41 -10.36
N GLU D 186 12.08 -25.32 -10.97
CA GLU D 186 12.68 -26.32 -11.85
C GLU D 186 13.39 -25.67 -13.03
N CYS D 187 12.71 -24.74 -13.70
CA CYS D 187 13.35 -24.09 -14.85
C CYS D 187 14.58 -23.30 -14.41
N ASP D 188 14.52 -22.69 -13.22
CA ASP D 188 15.68 -21.98 -12.72
C ASP D 188 16.86 -22.93 -12.51
N LYS D 189 16.59 -24.12 -11.98
CA LYS D 189 17.66 -25.10 -11.79
C LYS D 189 18.27 -25.51 -13.12
N ALA D 190 17.44 -25.62 -14.16
CA ALA D 190 17.97 -25.97 -15.48
C ALA D 190 18.97 -24.93 -15.96
N ALA D 191 18.56 -23.66 -15.92
CA ALA D 191 19.48 -22.60 -16.36
C ALA D 191 20.74 -22.56 -15.51
N HIS D 192 20.59 -22.78 -14.20
CA HIS D 192 21.75 -22.77 -13.30
C HIS D 192 22.73 -23.89 -13.65
N ARG D 193 22.21 -25.07 -14.01
CA ARG D 193 23.09 -26.17 -14.38
C ARG D 193 23.85 -25.85 -15.65
N GLY D 194 23.19 -25.25 -16.63
CA GLY D 194 23.89 -24.81 -17.83
C GLY D 194 25.04 -23.86 -17.50
N ALA D 195 24.77 -22.89 -16.62
CA ALA D 195 25.81 -21.94 -16.23
C ALA D 195 26.98 -22.65 -15.54
N GLN D 196 26.67 -23.61 -14.66
CA GLN D 196 27.72 -24.36 -13.96
C GLN D 196 28.59 -25.11 -14.95
N ARG D 197 27.96 -25.70 -15.97
CA ARG D 197 28.69 -26.40 -17.02
C ARG D 197 29.70 -25.47 -17.68
N ILE D 198 29.23 -24.30 -18.11
CA ILE D 198 30.13 -23.35 -18.78
C ILE D 198 31.25 -22.91 -17.84
N ALA D 199 30.93 -22.76 -16.55
CA ALA D 199 31.92 -22.26 -15.61
C ALA D 199 33.05 -23.26 -15.41
N LEU D 200 32.70 -24.54 -15.24
CA LEU D 200 33.74 -25.55 -15.09
C LEU D 200 34.57 -25.67 -16.36
N ALA D 201 33.91 -25.54 -17.53
CA ALA D 201 34.64 -25.49 -18.79
C ALA D 201 35.66 -24.37 -18.80
N GLY D 202 35.31 -23.23 -18.20
CA GLY D 202 36.26 -22.13 -18.14
C GLY D 202 37.42 -22.42 -17.21
N CYS D 203 37.12 -22.96 -16.02
CA CYS D 203 38.15 -23.22 -15.02
C CYS D 203 39.22 -24.17 -15.55
N GLY D 204 38.80 -25.16 -16.35
CA GLY D 204 39.76 -26.09 -16.91
C GLY D 204 40.85 -25.39 -17.70
N GLY D 205 40.49 -24.33 -18.41
CA GLY D 205 41.47 -23.60 -19.20
C GLY D 205 42.53 -22.93 -18.34
N LEU D 206 42.12 -22.36 -17.22
CA LEU D 206 43.09 -21.72 -16.33
C LEU D 206 44.03 -22.76 -15.73
N ILE D 207 43.50 -23.93 -15.37
CA ILE D 207 44.36 -24.96 -14.82
C ILE D 207 45.37 -25.40 -15.88
N GLY D 208 44.92 -25.54 -17.12
CA GLY D 208 45.84 -25.89 -18.19
C GLY D 208 46.87 -24.82 -18.44
N TYR D 209 46.49 -23.56 -18.26
CA TYR D 209 47.42 -22.45 -18.39
C TYR D 209 48.52 -22.55 -17.36
N TRP D 210 48.15 -22.80 -16.11
CA TRP D 210 49.14 -22.97 -15.06
C TRP D 210 50.10 -24.11 -15.39
N TYR D 211 49.54 -25.23 -15.87
CA TYR D 211 50.37 -26.37 -16.24
C TYR D 211 51.37 -25.99 -17.33
N ILE D 212 50.89 -25.30 -18.36
CA ILE D 212 51.74 -24.91 -19.47
C ILE D 212 52.86 -24.02 -18.98
N VAL D 213 52.54 -23.09 -18.09
CA VAL D 213 53.54 -22.13 -17.63
C VAL D 213 54.64 -22.87 -16.88
N TYR D 214 54.25 -23.76 -15.97
CA TYR D 214 55.27 -24.48 -15.19
C TYR D 214 56.12 -25.34 -16.09
N ARG D 215 55.49 -26.05 -17.03
CA ARG D 215 56.25 -26.96 -17.89
C ARG D 215 57.24 -26.19 -18.74
N LEU D 216 56.77 -25.13 -19.38
CA LEU D 216 57.61 -24.33 -20.24
C LEU D 216 58.76 -23.70 -19.48
N THR D 217 58.51 -23.29 -18.23
CA THR D 217 59.53 -22.62 -17.46
C THR D 217 60.58 -23.59 -16.96
N PHE D 218 60.16 -24.55 -16.13
CA PHE D 218 61.10 -25.42 -15.43
C PHE D 218 61.30 -26.76 -16.13
N GLU D 219 61.01 -26.83 -17.43
CA GLU D 219 61.37 -27.97 -18.25
C GLU D 219 62.13 -27.55 -19.51
N THR D 220 62.54 -26.29 -19.62
CA THR D 220 63.21 -25.79 -20.81
C THR D 220 64.29 -24.81 -20.40
N ASP D 221 64.98 -24.29 -21.42
CA ASP D 221 66.03 -23.29 -21.24
C ASP D 221 65.58 -21.89 -21.70
N LEU D 222 64.31 -21.74 -22.08
CA LEU D 222 63.83 -20.44 -22.54
C LEU D 222 63.83 -19.44 -21.38
N GLY D 223 63.00 -19.70 -20.37
CA GLY D 223 63.10 -19.00 -19.11
C GLY D 223 62.06 -17.90 -18.94
N TRP D 224 61.98 -17.42 -17.71
CA TRP D 224 61.07 -16.34 -17.37
C TRP D 224 61.40 -15.08 -18.15
N ASP D 225 62.68 -14.86 -18.46
CA ASP D 225 63.06 -13.73 -19.29
C ASP D 225 62.41 -13.79 -20.66
N VAL D 226 62.02 -14.99 -21.10
CA VAL D 226 61.31 -15.15 -22.36
C VAL D 226 59.81 -15.26 -22.16
N MET D 227 59.36 -15.60 -20.97
CA MET D 227 57.94 -15.89 -20.72
C MET D 227 57.15 -14.72 -20.15
N GLU D 228 57.73 -13.97 -19.20
CA GLU D 228 57.08 -12.81 -18.57
C GLU D 228 56.36 -11.89 -19.53
N PRO D 229 56.95 -11.46 -20.66
CA PRO D 229 56.22 -10.58 -21.56
C PRO D 229 55.00 -11.24 -22.12
N VAL D 230 55.08 -12.54 -22.37
CA VAL D 230 53.93 -13.28 -22.85
C VAL D 230 52.83 -13.24 -21.82
N THR D 231 53.20 -13.24 -20.54
CA THR D 231 52.22 -13.22 -19.48
C THR D 231 51.50 -11.88 -19.45
N TYR D 232 52.25 -10.79 -19.49
CA TYR D 232 51.63 -9.47 -19.53
C TYR D 232 50.74 -9.34 -20.75
N LEU D 233 51.21 -9.90 -21.86
CA LEU D 233 50.50 -9.82 -23.12
C LEU D 233 49.16 -10.53 -23.04
N VAL D 234 49.16 -11.74 -22.50
CA VAL D 234 47.94 -12.53 -22.41
C VAL D 234 46.98 -11.91 -21.43
N GLY D 235 47.50 -11.32 -20.35
CA GLY D 235 46.62 -10.68 -19.39
C GLY D 235 45.88 -9.51 -20.00
N LEU D 236 46.61 -8.68 -20.74
CA LEU D 236 45.96 -7.56 -21.42
C LEU D 236 44.98 -8.06 -22.47
N SER D 237 45.35 -9.12 -23.20
CA SER D 237 44.46 -9.71 -24.18
C SER D 237 43.17 -10.20 -23.53
N THR D 238 43.27 -10.74 -22.32
CA THR D 238 42.09 -11.24 -21.64
C THR D 238 41.18 -10.10 -21.21
N LEU D 239 41.76 -9.03 -20.68
CA LEU D 239 40.95 -7.86 -20.37
C LEU D 239 40.24 -7.35 -21.61
N ILE D 240 40.95 -7.31 -22.74
CA ILE D 240 40.36 -6.88 -24.00
C ILE D 240 39.20 -7.79 -24.37
N GLY D 241 39.39 -9.10 -24.23
CA GLY D 241 38.35 -10.04 -24.60
C GLY D 241 37.09 -9.86 -23.79
N GLY D 242 37.22 -9.77 -22.47
CA GLY D 242 36.06 -9.53 -21.63
C GLY D 242 35.39 -8.21 -21.96
N TYR D 243 36.21 -7.25 -22.35
CA TYR D 243 35.73 -5.94 -22.74
C TYR D 243 34.85 -6.09 -23.98
N MET D 244 35.27 -6.95 -24.90
CA MET D 244 34.53 -7.15 -26.14
C MET D 244 33.23 -7.90 -25.89
N TRP D 245 33.24 -8.80 -24.89
CA TRP D 245 32.03 -9.53 -24.50
C TRP D 245 31.01 -8.51 -23.99
N PHE D 246 31.48 -7.60 -23.15
CA PHE D 246 30.65 -6.51 -22.64
C PHE D 246 30.06 -5.69 -23.79
N LEU D 247 30.91 -5.29 -24.74
CA LEU D 247 30.46 -4.44 -25.84
C LEU D 247 29.38 -5.13 -26.66
N TRP D 248 29.64 -6.37 -27.07
CA TRP D 248 28.70 -7.11 -27.90
C TRP D 248 27.37 -7.33 -27.19
N HIS D 249 27.46 -7.62 -25.90
CA HIS D 249 26.31 -7.86 -25.05
C HIS D 249 25.45 -6.58 -24.96
N ASN D 250 26.11 -5.43 -24.92
CA ASN D 250 25.43 -4.15 -24.79
C ASN D 250 25.04 -3.55 -26.13
N ARG D 251 25.67 -3.96 -27.21
CA ARG D 251 25.35 -3.44 -28.53
C ARG D 251 24.05 -4.06 -29.06
N LEU D 270 9.20 -18.17 -22.72
CA LEU D 270 10.39 -19.01 -22.62
C LEU D 270 10.01 -20.39 -22.12
N TYR D 271 9.03 -20.44 -21.22
CA TYR D 271 8.71 -21.66 -20.47
C TYR D 271 7.71 -22.47 -21.30
N GLN D 272 8.15 -22.90 -22.48
CA GLN D 272 7.35 -23.83 -23.26
C GLN D 272 7.28 -25.21 -22.60
N ALA D 273 8.15 -25.50 -21.64
CA ALA D 273 8.16 -26.82 -21.01
C ALA D 273 6.94 -27.02 -20.14
N LYS D 274 6.81 -26.21 -19.10
CA LYS D 274 5.61 -26.16 -18.25
C LYS D 274 5.33 -24.67 -18.05
N GLY D 275 4.57 -24.09 -18.98
CA GLY D 275 4.37 -22.66 -18.99
C GLY D 275 3.45 -22.20 -17.88
N PHE D 276 3.76 -21.02 -17.35
CA PHE D 276 2.89 -20.33 -16.41
C PHE D 276 2.99 -18.84 -16.65
N SER D 277 1.85 -18.17 -16.68
CA SER D 277 1.83 -16.73 -16.91
C SER D 277 2.19 -16.01 -15.62
N LEU D 278 3.17 -15.10 -15.73
CA LEU D 278 3.49 -14.24 -14.59
C LEU D 278 2.27 -13.43 -14.17
N GLN D 279 1.41 -13.07 -15.13
CA GLN D 279 0.17 -12.40 -14.78
C GLN D 279 -0.69 -13.27 -13.87
N ASP D 280 -0.69 -14.59 -14.12
CA ASP D 280 -1.53 -15.47 -13.32
C ASP D 280 -0.98 -15.62 -11.90
N TRP D 281 0.31 -15.87 -11.79
CA TRP D 281 1.02 -15.86 -10.51
C TRP D 281 0.71 -14.59 -9.73
N GLU D 282 0.90 -13.44 -10.38
CA GLU D 282 0.68 -12.15 -9.75
C GLU D 282 -0.77 -11.99 -9.29
N GLY D 283 -1.72 -12.39 -10.15
CA GLY D 283 -3.13 -12.23 -9.82
C GLY D 283 -3.52 -13.08 -8.63
N TYR D 284 -3.08 -14.34 -8.62
CA TYR D 284 -3.36 -15.20 -7.48
C TYR D 284 -2.75 -14.63 -6.21
N LEU D 285 -1.53 -14.10 -6.30
CA LEU D 285 -0.86 -13.57 -5.11
C LEU D 285 -1.62 -12.38 -4.54
N GLU D 286 -1.99 -11.44 -5.41
CA GLU D 286 -2.73 -10.27 -4.96
C GLU D 286 -4.10 -10.65 -4.42
N GLU D 287 -4.81 -11.56 -5.08
CA GLU D 287 -6.12 -11.98 -4.58
C GLU D 287 -6.00 -12.60 -3.19
N ALA D 288 -4.99 -13.45 -2.99
CA ALA D 288 -4.79 -14.06 -1.69
C ALA D 288 -4.53 -13.00 -0.63
N ASN D 289 -3.71 -12.00 -0.95
CA ASN D 289 -3.45 -10.96 0.03
C ASN D 289 -4.71 -10.17 0.36
N ALA D 290 -5.56 -9.94 -0.62
CA ALA D 290 -6.83 -9.25 -0.34
C ALA D 290 -7.71 -10.08 0.59
N MET D 291 -7.77 -11.39 0.35
CA MET D 291 -8.50 -12.28 1.24
C MET D 291 -7.95 -12.18 2.66
N ARG D 292 -6.63 -12.14 2.79
CA ARG D 292 -6.01 -12.02 4.10
C ARG D 292 -6.43 -10.74 4.80
N ARG D 293 -6.44 -9.63 4.07
CA ARG D 293 -6.82 -8.36 4.68
C ARG D 293 -8.26 -8.41 5.16
N GLU D 294 -9.15 -8.97 4.35
CA GLU D 294 -10.55 -9.09 4.75
C GLU D 294 -10.68 -9.90 6.03
N ILE D 295 -9.95 -11.01 6.10
CA ILE D 295 -10.09 -11.90 7.24
C ILE D 295 -9.53 -11.26 8.50
N LYS D 296 -8.38 -10.59 8.40
CA LYS D 296 -7.82 -9.93 9.57
C LYS D 296 -8.70 -8.77 10.03
N ALA D 297 -9.37 -8.11 9.08
CA ALA D 297 -10.31 -7.06 9.47
C ALA D 297 -11.45 -7.64 10.29
N VAL D 298 -12.04 -8.75 9.84
CA VAL D 298 -13.09 -9.39 10.61
C VAL D 298 -12.56 -9.85 11.97
N ALA D 299 -11.33 -10.35 11.99
CA ALA D 299 -10.72 -10.80 13.23
C ALA D 299 -10.64 -9.67 14.25
N SER D 300 -10.11 -8.53 13.84
CA SER D 300 -10.08 -7.37 14.71
C SER D 300 -11.48 -6.93 15.09
N GLU D 301 -12.45 -7.14 14.20
CA GLU D 301 -13.83 -6.84 14.55
C GLU D 301 -14.39 -7.82 15.58
N TYR D 302 -13.72 -8.94 15.82
CA TYR D 302 -14.04 -9.80 16.95
C TYR D 302 -12.93 -9.86 18.00
N ASP D 303 -11.70 -9.47 17.66
CA ASP D 303 -10.56 -9.57 18.57
C ASP D 303 -10.25 -11.03 18.91
N VAL D 304 -10.05 -11.85 17.87
CA VAL D 304 -9.84 -13.28 18.02
C VAL D 304 -8.62 -13.73 17.21
N ASP D 305 -7.63 -12.83 17.04
CA ASP D 305 -6.23 -13.14 16.72
C ASP D 305 -5.98 -14.34 15.80
N TRP D 306 -6.50 -14.28 14.58
CA TRP D 306 -6.43 -15.40 13.66
C TRP D 306 -4.99 -15.74 13.27
N ASN D 307 -4.66 -17.03 13.38
CA ASN D 307 -3.40 -17.56 12.86
C ASN D 307 -3.63 -18.14 11.47
N GLU D 308 -2.61 -18.04 10.62
CA GLU D 308 -2.73 -18.59 9.27
C GLU D 308 -2.49 -20.10 9.26
N THR D 309 -1.64 -20.59 10.16
CA THR D 309 -1.39 -22.02 10.25
C THR D 309 -2.58 -22.72 10.91
C10 DGG E . 51.29 -19.85 0.30
C9 DGG E . 52.28 -20.25 -0.79
C8 DGG E . 53.72 -20.22 -0.26
C7 DGG E . 54.70 -20.57 -1.37
C6 DGG E . 56.14 -20.55 -0.85
C5 DGG E . 57.13 -20.89 -1.95
C4 DGG E . 58.55 -20.96 -1.41
C3 DGG E . 59.54 -21.32 -2.50
C2 DGG E . 60.94 -21.51 -1.92
C1 DGG E . 61.92 -21.81 -3.03
O1 DGG E . 62.89 -21.10 -3.20
O17 DGG E . 61.72 -22.96 -3.89
C17 DGG E . 62.78 -23.41 -4.73
C19 DGG E . 62.29 -24.54 -5.62
O19 DGG E . 61.35 -24.03 -6.56
C21 DGG E . 60.58 -25.09 -7.18
O21 DGG E . 61.01 -26.24 -7.19
C22 DGG E . 59.24 -24.78 -7.83
C23 DGG E . 58.26 -24.34 -6.75
C24 DGG E . 56.85 -24.20 -7.32
C25 DGG E . 55.85 -23.87 -6.22
C26 DGG E . 54.42 -23.87 -6.75
C27 DGG E . 53.42 -23.63 -5.63
C28 DGG E . 52.00 -23.66 -6.15
C18 DGG E . 63.48 -25.16 -6.36
P DGG E . 65.69 -24.51 -7.63
OP1 DGG E . 65.44 -25.38 -8.84
OP2 DGG E . 64.27 -24.14 -6.97
OP3 DGG E . 66.61 -25.00 -6.53
OP4 DGG E . 66.24 -23.08 -8.14
C40 DGG E . 67.59 -22.96 -8.60
C41 DGG E . 67.81 -21.55 -9.16
O42 DGG E . 67.87 -21.61 -10.58
HC91 DGG E . 52.05 -21.26 -1.13
HC92 DGG E . 52.19 -19.57 -1.63
HC81 DGG E . 53.93 -19.22 0.12
HC82 DGG E . 53.81 -20.93 0.56
HC71 DGG E . 54.47 -21.56 -1.76
HC72 DGG E . 54.61 -19.85 -2.19
HC61 DGG E . 56.36 -19.55 -0.45
HC62 DGG E . 56.23 -21.27 -0.03
HC51 DGG E . 56.86 -21.85 -2.40
HC52 DGG E . 57.08 -20.13 -2.74
HC41 DGG E . 58.82 -19.99 -0.97
HC42 DGG E . 58.59 -21.71 -0.61
HC31 DGG E . 59.23 -22.24 -2.99
HC32 DGG E . 59.56 -20.53 -3.25
HC21 DGG E . 61.25 -20.59 -1.40
HC22 DGG E . 60.93 -22.33 -1.20
H171 DGG E . 63.61 -23.76 -4.11
H172 DGG E . 63.14 -22.58 -5.34
H191 DGG E . 61.83 -25.31 -5.00
H221 DGG E . 58.85 -25.67 -8.33
H222 DGG E . 59.36 -24.00 -8.57
H231 DGG E . 58.58 -23.37 -6.34
H232 DGG E . 58.25 -25.05 -5.94
H241 DGG E . 56.56 -25.12 -7.82
H242 DGG E . 56.84 -23.40 -8.06
H251 DGG E . 56.08 -22.89 -5.79
H252 DGG E . 55.94 -24.60 -5.42
H261 DGG E . 54.21 -24.83 -7.23
H262 DGG E . 54.31 -23.09 -7.51
H271 DGG E . 53.61 -22.67 -5.16
H272 DGG E . 53.54 -24.40 -4.86
H181 DGG E . 63.11 -25.85 -7.12
H182 DGG E . 64.10 -25.73 -5.65
H401 DGG E . 68.27 -23.14 -7.77
H402 DGG E . 67.78 -23.70 -9.38
H421 DGG E . 67.03 -21.96 -10.93
CA CA F . 65.74 -9.58 -15.24
CA CA G . 59.70 -8.70 -13.84
C14 DGG H . 44.07 -15.09 -16.74
C13 DGG H . 45.41 -14.51 -16.37
C12 DGG H . 45.25 -13.58 -15.18
C11 DGG H . 46.60 -13.15 -14.64
C10 DGG H . 46.46 -12.41 -13.32
C9 DGG H . 47.80 -12.17 -12.65
C8 DGG H . 47.60 -11.69 -11.22
C7 DGG H . 48.93 -11.49 -10.51
C6 DGG H . 48.70 -11.11 -9.05
H131 DGG H . 45.82 -13.95 -17.22
H132 DGG H . 46.11 -15.31 -16.13
H121 DGG H . 44.69 -14.09 -14.39
H122 DGG H . 44.68 -12.70 -15.47
H111 DGG H . 47.10 -12.49 -15.37
H112 DGG H . 47.24 -14.03 -14.50
H101 DGG H . 45.82 -12.99 -12.65
H102 DGG H . 45.95 -11.45 -13.49
HC91 DGG H . 48.36 -11.43 -13.22
HC92 DGG H . 48.38 -13.10 -12.64
HC81 DGG H . 47.00 -12.41 -10.67
HC82 DGG H . 47.06 -10.74 -11.24
HC71 DGG H . 49.50 -10.70 -11.01
HC72 DGG H . 49.51 -12.41 -10.56
CA CA I . 54.34 -7.92 -12.59
C14 DGG J . 47.53 -13.24 -2.38
C13 DGG J . 48.67 -12.62 -3.16
C12 DGG J . 48.14 -11.47 -4.02
C11 DGG J . 49.28 -10.76 -4.72
C10 DGG J . 48.78 -9.51 -5.43
C9 DGG J . 49.94 -8.67 -5.95
C8 DGG J . 49.45 -7.35 -6.53
C7 DGG J . 50.60 -6.56 -7.12
C6 DGG J . 50.12 -5.26 -7.75
H131 DGG J . 49.12 -13.38 -3.81
H132 DGG J . 49.43 -12.25 -2.48
H121 DGG J . 47.60 -10.77 -3.37
H122 DGG J . 47.43 -11.86 -4.75
H111 DGG J . 49.73 -11.43 -5.45
H112 DGG J . 50.05 -10.48 -3.99
H101 DGG J . 48.18 -8.91 -4.73
H102 DGG J . 48.14 -9.80 -6.26
HC91 DGG J . 50.48 -9.23 -6.71
HC92 DGG J . 50.64 -8.47 -5.12
HC81 DGG J . 48.97 -6.77 -5.73
HC82 DGG J . 48.71 -7.54 -7.30
HC71 DGG J . 51.12 -7.16 -7.87
HC72 DGG J . 51.33 -6.32 -6.33
C10 DGG K . 56.49 4.83 0.56
C9 DGG K . 57.61 3.79 0.50
C8 DGG K . 58.89 4.47 0.03
C7 DGG K . 59.99 3.42 -0.17
C6 DGG K . 60.42 3.40 -1.63
C5 DGG K . 61.62 2.47 -1.80
C4 DGG K . 62.91 3.22 -1.46
C3 DGG K . 63.94 2.24 -0.91
C2 DGG K . 65.33 2.79 -1.18
C1 DGG K . 66.37 2.00 -0.37
O1 DGG K . 67.40 2.53 -0.09
O17 DGG K . 66.13 0.68 0.02
C17 DGG K . 67.07 -0.24 -0.45
C19 DGG K . 66.96 -1.56 0.34
O19 DGG K . 65.62 -1.97 0.40
C21 DGG K . 65.33 -2.93 1.38
O21 DGG K . 66.19 -3.47 1.97
C22 DGG K . 63.87 -3.30 1.70
C23 DGG K . 63.00 -2.05 1.74
C24 DGG K . 61.54 -2.51 1.89
C25 DGG K . 60.66 -1.36 2.37
C26 DGG K . 59.29 -1.90 2.75
C27 DGG K . 58.25 -0.79 2.79
C28 DGG K . 56.90 -1.39 3.21
C18 DGG K . 67.81 -2.64 -0.34
P DGG K . 70.39 -2.29 -0.86
OP1 DGG K . 70.64 -2.76 0.51
OP2 DGG K . 68.79 -2.06 -1.16
OP3 DGG K . 71.11 -1.02 -0.85
OP4 DGG K . 71.07 -3.32 -1.96
C40 DGG K . 72.45 -3.30 -2.12
C41 DGG K . 72.87 -4.44 -3.06
O42 DGG K . 71.92 -5.46 -2.98
HC91 DGG K . 57.74 3.41 1.34
HC92 DGG K . 57.38 3.12 -0.11
HC81 DGG K . 58.73 4.92 -0.77
HC82 DGG K . 59.18 5.08 0.69
HC71 DGG K . 60.73 3.63 0.37
HC72 DGG K . 59.65 2.57 0.07
HC61 DGG K . 59.71 3.08 -2.17
HC62 DGG K . 60.65 4.26 -1.91
HC51 DGG K . 61.52 1.75 -1.20
HC52 DGG K . 61.65 2.16 -2.67
HC41 DGG K . 63.25 3.62 -2.24
HC42 DGG K . 62.74 3.88 -0.83
HC31 DGG K . 63.81 2.15 0.02
HC32 DGG K . 63.84 1.40 -1.33
HC21 DGG K . 65.52 2.70 -2.10
HC22 DGG K . 65.38 3.69 -0.95
H171 DGG K . 67.93 0.11 -0.35
H172 DGG K . 66.90 -0.42 -1.36
H191 DGG K . 67.29 -1.40 1.21
H221 DGG K . 63.84 -3.71 2.55
H222 DGG K . 63.56 -3.88 1.06
H231 DGG K . 63.09 -1.57 0.94
H232 DGG K . 63.22 -1.52 2.47
H241 DGG K . 61.51 -3.21 2.50
H242 DGG K . 61.23 -2.81 1.05
H251 DGG K . 60.58 -0.72 1.70
H252 DGG K . 61.06 -0.97 3.12
H261 DGG K . 59.34 -2.32 3.59
H262 DGG K . 59.03 -2.54 2.10
H271 DGG K . 58.17 -0.40 1.95
H272 DGG K . 58.51 -0.14 3.42
H181 DGG K . 67.26 -3.18 -0.87
H182 DGG K . 68.21 -3.17 0.31
H401 DGG K . 72.73 -2.48 -2.48
H402 DGG K . 72.86 -3.43 -1.29
H421 DGG K . 71.38 -5.29 -2.37
C14 DGG L . 49.23 1.50 -4.88
C13 DGG L . 50.07 0.61 -5.75
C12 DGG L . 49.16 -0.17 -6.70
C11 DGG L . 49.98 -0.92 -7.74
C10 DGG L . 49.09 -1.49 -8.83
C9 DGG L . 49.90 -2.05 -9.99
C8 DGG L . 48.98 -2.38 -11.15
C7 DGG L . 49.76 -2.89 -12.36
C6 DGG L . 48.83 -3.10 -13.56
H131 DGG L . 50.63 -0.09 -5.12
H132 DGG L . 50.78 1.20 -6.32
H121 DGG L . 48.49 0.53 -7.21
H122 DGG L . 48.56 -0.88 -6.14
H111 DGG L . 50.54 -1.73 -7.26
H112 DGG L . 50.71 -0.23 -8.19
H101 DGG L . 48.42 -0.72 -9.19
H102 DGG L . 48.47 -2.29 -8.40
HC91 DGG L . 50.41 -2.96 -9.67
HC92 DGG L . 50.65 -1.33 -10.30
HC81 DGG L . 48.42 -1.49 -11.44
HC82 DGG L . 48.26 -3.14 -10.85
HC71 DGG L . 50.25 -3.84 -12.11
HC72 DGG L . 50.53 -2.17 -12.63
C10 DGG M . 49.40 5.17 -23.66
C9 DGG M . 50.83 5.25 -23.13
C8 DGG M . 51.83 4.84 -24.21
C7 DGG M . 53.25 4.87 -23.67
C6 DGG M . 54.25 4.46 -24.74
C5 DGG M . 55.67 4.47 -24.19
C4 DGG M . 56.68 4.17 -25.29
C3 DGG M . 58.11 4.20 -24.76
C2 DGG M . 59.11 4.03 -25.89
C1 DGG M . 60.52 3.99 -25.34
O1 DGG M . 61.25 3.03 -25.55
O17 DGG M . 61.02 5.10 -24.54
C17 DGG M . 62.43 5.19 -24.27
C19 DGG M . 62.69 6.35 -23.32
O19 DGG M . 62.14 6.05 -22.03
C21 DGG M . 62.03 7.25 -21.21
O21 DGG M . 62.71 8.22 -21.46
C22 DGG M . 61.05 7.26 -20.04
C23 DGG M . 59.63 7.16 -20.56
C24 DGG M . 58.62 7.37 -19.44
C25 DGG M . 57.20 7.39 -19.99
C26 DGG M . 56.20 7.75 -18.90
C27 DGG M . 54.79 7.87 -19.47
C28 DGG M . 53.79 8.25 -18.39
C18 DGG M . 64.19 6.58 -23.20
P DGG M . 66.47 5.27 -22.99
OP1 DGG M . 67.02 6.08 -21.84
OP2 DGG M . 64.86 5.34 -22.94
OP3 DGG M . 66.91 5.57 -24.40
OP4 DGG M . 66.78 3.71 -22.69
C40 DGG M . 68.09 3.19 -22.86
C41 DGG M . 68.15 1.75 -22.39
O42 DGG M . 68.82 1.69 -21.12
HC91 DGG M . 51.04 6.28 -22.82
HC92 DGG M . 50.93 4.60 -22.26
HC81 DGG M . 51.59 3.82 -24.55
HC82 DGG M . 51.75 5.50 -25.05
HC71 DGG M . 53.48 5.86 -23.31
HC72 DGG M . 53.33 4.18 -22.81
HC61 DGG M . 54.01 3.46 -25.11
HC62 DGG M . 54.18 5.15 -25.58
HC51 DGG M . 55.89 5.46 -23.76
HC52 DGG M . 55.77 3.72 -23.40
HC41 DGG M . 56.47 3.19 -25.73
HC42 DGG M . 56.58 4.92 -26.10
HC31 DGG M . 58.29 5.15 -24.24
HC32 DGG M . 58.24 3.39 -24.03
HC21 DGG M . 58.91 3.10 -26.43
HC22 DGG M . 59.02 4.85 -26.59
H171 DGG M . 62.97 5.34 -25.20
H172 DGG M . 62.78 4.25 -23.82
H191 DGG M . 62.23 7.26 -23.73
H221 DGG M . 61.19 8.19 -19.48
H222 DGG M . 61.27 6.43 -19.38
H231 DGG M . 59.48 6.17 -21.01
H232 DGG M . 59.47 7.91 -21.35
H241 DGG M . 58.83 8.32 -18.93
H242 DGG M . 58.71 6.57 -18.71
H251 DGG M . 56.95 6.42 -20.41
H252 DGG M . 57.14 8.12 -20.80
H261 DGG M . 56.48 8.70 -18.44
H262 DGG M . 56.21 6.99 -18.12
H271 DGG M . 54.49 6.91 -19.90
H272 DGG M . 54.78 8.61 -20.27
H181 DGG M . 64.40 7.28 -22.39
H182 DGG M . 64.58 7.01 -24.13
H401 DGG M . 68.38 3.25 -23.91
H402 DGG M . 68.80 3.80 -22.30
H421 DGG M . 68.34 2.23 -20.48
C14 DGG N . 45.50 -0.30 -19.22
C13 DGG N . 46.65 -1.24 -18.97
C12 DGG N . 46.25 -2.25 -17.89
C11 DGG N . 47.34 -3.29 -17.69
C10 DGG N . 46.89 -4.39 -16.76
C9 DGG N . 47.88 -5.55 -16.75
C8 DGG N . 47.35 -6.72 -15.93
C7 DGG N . 48.38 -7.85 -15.85
C6 DGG N . 47.88 -9.00 -14.99
H131 DGG N . 47.52 -0.68 -18.63
H132 DGG N . 46.91 -1.76 -19.88
H121 DGG N . 45.33 -2.75 -18.18
H122 DGG N . 46.07 -1.73 -16.94
H111 DGG N . 48.23 -2.81 -17.28
H112 DGG N . 47.61 -3.72 -18.66
H101 DGG N . 45.91 -4.77 -17.08
H102 DGG N . 46.78 -4.00 -15.74
HC91 DGG N . 48.83 -5.21 -16.33
HC92 DGG N . 48.08 -5.88 -17.77
HC81 DGG N . 46.44 -7.11 -16.39
HC82 DGG N . 47.11 -6.38 -14.93
HC71 DGG N . 49.31 -7.45 -15.42
HC72 DGG N . 48.60 -8.21 -16.85
C10 DGG O . 47.06 -19.92 -24.56
C9 DGG O . 48.33 -19.23 -25.06
C8 DGG O . 49.45 -20.26 -25.16
C7 DGG O . 50.77 -19.55 -25.50
C6 DGG O . 51.77 -19.74 -24.37
C5 DGG O . 53.13 -19.19 -24.81
C4 DGG O . 53.89 -20.24 -25.61
C3 DGG O . 54.81 -19.55 -26.62
C2 DGG O . 55.98 -20.45 -26.94
C1 DGG O . 56.73 -19.94 -28.16
O1 DGG O . 57.35 -20.70 -28.84
O17 DGG O . 56.71 -18.58 -28.50
C17 DGG O . 57.97 -17.97 -28.54
C19 DGG O . 57.90 -16.64 -29.28
O19 DGG O . 56.83 -15.87 -28.79
C21 DGG O . 56.41 -14.81 -29.60
O21 DGG O . 57.05 -14.48 -30.55
C22 DGG O . 55.12 -14.04 -29.29
C23 DGG O . 54.01 -14.99 -28.87
C24 DGG O . 52.83 -14.16 -28.40
C25 DGG O . 51.55 -14.99 -28.39
C26 DGG O . 50.35 -14.06 -28.16
C27 DGG O . 49.14 -14.85 -27.68
C28 DGG O . 47.95 -13.90 -27.52
C18 DGG O . 59.21 -15.87 -29.10
P DGG O . 61.57 -16.93 -29.73
OP1 DGG O . 61.32 -16.47 -31.09
OP2 DGG O . 60.26 -16.74 -28.75
OP3 DGG O . 61.84 -18.34 -29.97
OP4 DGG O . 62.90 -16.20 -29.09
C40 DGG O . 64.16 -16.59 -29.55
C41 DGG O . 65.23 -15.68 -28.96
O42 DGG O . 64.65 -14.44 -28.68
HC91 DGG O . 48.18 -18.85 -25.90
HC92 DGG O . 48.58 -18.56 -24.45
HC81 DGG O . 49.54 -20.70 -24.33
HC82 DGG O . 49.25 -20.88 -25.82
HC71 DGG O . 51.11 -19.92 -26.29
HC72 DGG O . 50.61 -18.64 -25.63
HC61 DGG O . 51.48 -19.27 -23.61
HC62 DGG O . 51.87 -20.66 -24.16
HC51 DGG O . 52.99 -18.43 -25.34
HC52 DGG O . 53.62 -18.96 -24.04
HC41 DGG O . 54.42 -20.76 -25.04
HC42 DGG O . 53.29 -20.78 -26.08
HC31 DGG O . 54.32 -19.36 -27.41
HC32 DGG O . 55.12 -18.74 -26.26
HC21 DGG O . 56.56 -20.48 -26.20
HC22 DGG O . 55.67 -21.32 -27.11
H171 DGG O . 58.58 -18.54 -28.97
H172 DGG O . 58.27 -17.82 -27.66
H191 DGG O . 57.77 -16.81 -30.20
H221 DGG O . 54.85 -13.57 -30.06
H222 DGG O . 55.29 -13.43 -28.61
H231 DGG O . 54.31 -15.54 -28.16
H232 DGG O . 53.75 -15.53 -29.59
H241 DGG O . 52.72 -13.43 -28.99
H242 DGG O . 53.00 -13.84 -27.54
H251 DGG O . 51.59 -15.62 -27.69
H252 DGG O . 51.46 -15.43 -29.21
H261 DGG O . 50.15 -13.63 -28.97
H262 DGG O . 50.57 -13.43 -27.52
H271 DGG O . 49.33 -15.26 -26.86
H272 DGG O . 48.91 -15.51 -28.32
H181 DGG O . 59.11 -15.23 -28.42
H182 DGG O . 59.43 -15.42 -29.89
H401 DGG O . 64.33 -17.48 -29.29
H402 DGG O . 64.18 -16.53 -30.49
H421 DGG O . 63.88 -14.41 -28.98
#